data_6CYY
#
_entry.id   6CYY
#
_cell.length_a   144.871
_cell.length_b   144.871
_cell.length_c   97.265
_cell.angle_alpha   90.000
_cell.angle_beta   90.000
_cell.angle_gamma   90.000
#
_symmetry.space_group_name_H-M   'P 41 21 2'
#
loop_
_entity.id
_entity.type
_entity.pdbx_description
1 polymer 'HTH-type transcriptional regulator PrpR'
2 non-polymer 'COENZYME A'
3 non-polymer 'IRON/SULFUR CLUSTER'
4 water water
#
_entity_poly.entity_id   1
_entity_poly.type   'polypeptide(L)'
_entity_poly.pdbx_seq_one_letter_code
;HHHHHHSSGVDLGTENLYFQSNADARLVADLSDVFTDIGVEHAVSGAQIEEFVARMPEVGHSLVAVHRRLRAATEELEGY
RSRATAETELPPARPMPFEEVRDFFYDRNNYIHDLDMAAERMFTESGMRTGGLDIQLAELMRDRFGISVVIDDNLPDTAK
RRYHPDTKVLRVAHWLMPGQRAFQIATQLALVGQSDLISSIVATDDQLSTEARGVARIGLANYFAGAFLLPYREFHRAAE
QLRYDIDLLGRRFGVGFETVCHRLSTLQRPRQRGIPFIFVRTDKAGNISKRQSATAFHFSRVGGSCPLWVVHDAFAQPER
IVRQVAQMPDGRSYFWVAKTTAADGLGYLGPHKNFAVGLGCDLAHAHKLVYSTGVVLDDPSTEVPIGAGCKICNRTSCAQ
RAFPYLGGRVAVDENAGSSLPYSSTEQSV
;
_entity_poly.pdbx_strand_id   A,B
#
loop_
_chem_comp.id
_chem_comp.type
_chem_comp.name
_chem_comp.formula
COA non-polymer 'COENZYME A' 'C21 H36 N7 O16 P3 S'
SF4 non-polymer 'IRON/SULFUR CLUSTER' 'Fe4 S4'
#
# COMPACT_ATOMS: atom_id res chain seq x y z
N PRO A 95 10.44 13.81 16.42
CA PRO A 95 10.61 13.07 15.16
C PRO A 95 11.89 12.24 15.12
N MET A 96 12.06 11.49 14.03
CA MET A 96 13.19 10.61 13.83
C MET A 96 14.18 11.24 12.87
N PRO A 97 15.41 10.69 12.77
CA PRO A 97 16.45 11.41 12.02
C PRO A 97 16.14 11.55 10.54
N PHE A 98 15.58 10.51 9.90
CA PHE A 98 15.24 10.64 8.48
C PHE A 98 14.12 11.64 8.26
N GLU A 99 13.18 11.75 9.21
CA GLU A 99 12.16 12.78 9.10
C GLU A 99 12.76 14.17 9.33
N GLU A 100 13.74 14.26 10.24
CA GLU A 100 14.44 15.51 10.46
C GLU A 100 15.13 15.97 9.18
N VAL A 101 15.74 15.04 8.44
CA VAL A 101 16.48 15.42 7.24
C VAL A 101 15.52 15.68 6.08
N ARG A 102 14.43 14.93 5.98
CA ARG A 102 13.37 15.25 5.03
C ARG A 102 12.90 16.67 5.22
N ASP A 103 12.65 17.09 6.47
CA ASP A 103 12.24 18.46 6.74
C ASP A 103 13.38 19.44 6.48
N PHE A 104 14.63 19.02 6.73
CA PHE A 104 15.78 19.88 6.42
C PHE A 104 15.81 20.25 4.96
N PHE A 105 15.55 19.27 4.07
CA PHE A 105 15.52 19.56 2.64
C PHE A 105 14.24 20.30 2.24
N TYR A 106 13.10 19.96 2.85
CA TYR A 106 11.85 20.64 2.54
C TYR A 106 11.90 22.13 2.86
N ASP A 107 12.53 22.48 3.99
CA ASP A 107 12.64 23.88 4.39
C ASP A 107 13.48 24.68 3.41
N ARG A 108 14.36 24.02 2.66
CA ARG A 108 15.25 24.68 1.72
C ARG A 108 14.74 24.56 0.29
N ASN A 109 13.44 24.28 0.11
CA ASN A 109 12.81 24.17 -1.20
C ASN A 109 13.49 23.09 -2.05
N ASN A 110 14.11 22.10 -1.38
CA ASN A 110 14.81 21.00 -2.04
C ASN A 110 15.92 21.48 -2.96
N TYR A 111 16.53 22.62 -2.64
CA TYR A 111 17.60 23.15 -3.48
C TYR A 111 18.66 23.80 -2.59
N ILE A 112 19.90 23.34 -2.74
CA ILE A 112 21.02 23.82 -1.93
C ILE A 112 21.98 24.60 -2.81
N HIS A 113 21.83 25.93 -2.84
CA HIS A 113 22.50 26.74 -3.86
C HIS A 113 24.01 26.62 -3.78
N ASP A 114 24.59 26.74 -2.58
CA ASP A 114 26.04 26.65 -2.45
C ASP A 114 26.56 25.31 -2.95
N LEU A 115 25.92 24.21 -2.53
CA LEU A 115 26.36 22.88 -2.93
C LEU A 115 26.17 22.65 -4.42
N ASP A 116 25.03 23.06 -4.97
CA ASP A 116 24.76 22.86 -6.39
C ASP A 116 25.76 23.61 -7.25
N MET A 117 26.01 24.88 -6.90
CA MET A 117 27.00 25.68 -7.63
C MET A 117 28.39 25.10 -7.47
N ALA A 118 28.71 24.54 -6.29
CA ALA A 118 30.02 23.91 -6.11
C ALA A 118 30.19 22.72 -7.04
N ALA A 119 29.17 21.85 -7.11
CA ALA A 119 29.23 20.70 -8.00
C ALA A 119 29.38 21.14 -9.46
N GLU A 120 28.58 22.13 -9.88
CA GLU A 120 28.65 22.58 -11.27
C GLU A 120 30.00 23.22 -11.58
N ARG A 121 30.52 24.02 -10.65
CA ARG A 121 31.81 24.68 -10.82
C ARG A 121 32.93 23.65 -10.92
N MET A 122 32.89 22.61 -10.10
CA MET A 122 33.91 21.57 -10.18
C MET A 122 33.79 20.78 -11.49
N PHE A 123 32.55 20.49 -11.92
CA PHE A 123 32.35 19.83 -13.21
C PHE A 123 32.98 20.64 -14.34
N THR A 124 32.79 21.96 -14.34
CA THR A 124 33.32 22.76 -15.44
C THR A 124 34.84 22.91 -15.34
N GLU A 125 35.35 23.24 -14.15
CA GLU A 125 36.78 23.48 -13.98
C GLU A 125 37.60 22.22 -14.22
N SER A 126 37.03 21.04 -13.97
CA SER A 126 37.74 19.80 -14.19
C SER A 126 37.73 19.36 -15.65
N GLY A 127 37.00 20.05 -16.51
CA GLY A 127 36.89 19.63 -17.90
C GLY A 127 36.04 18.40 -18.11
N MET A 128 35.08 18.15 -17.22
CA MET A 128 34.19 17.01 -17.38
C MET A 128 33.37 17.16 -18.67
N ARG A 129 32.96 16.02 -19.21
CA ARG A 129 32.06 15.98 -20.35
C ARG A 129 31.01 14.91 -20.09
N THR A 130 29.76 15.24 -20.40
CA THR A 130 28.68 14.27 -20.21
C THR A 130 28.92 13.05 -21.09
N GLY A 131 28.89 11.87 -20.48
CA GLY A 131 29.21 10.65 -21.19
C GLY A 131 30.45 9.98 -20.66
N GLY A 132 30.28 8.82 -20.05
CA GLY A 132 31.42 8.12 -19.45
C GLY A 132 32.01 8.86 -18.26
N LEU A 133 31.15 9.45 -17.42
CA LEU A 133 31.62 10.20 -16.27
C LEU A 133 32.34 9.35 -15.24
N ASP A 134 32.11 8.03 -15.20
CA ASP A 134 32.78 7.21 -14.20
C ASP A 134 34.29 7.21 -14.39
N ILE A 135 34.74 7.13 -15.64
CA ILE A 135 36.18 7.14 -15.93
C ILE A 135 36.79 8.52 -15.65
N GLN A 136 36.09 9.58 -16.06
CA GLN A 136 36.61 10.93 -15.82
C GLN A 136 36.63 11.24 -14.33
N LEU A 137 35.65 10.75 -13.58
CA LEU A 137 35.63 10.95 -12.13
C LEU A 137 36.75 10.17 -11.47
N ALA A 138 37.08 8.98 -11.97
CA ALA A 138 38.24 8.27 -11.47
C ALA A 138 39.50 9.11 -11.65
N GLU A 139 39.65 9.72 -12.83
CA GLU A 139 40.87 10.49 -13.07
C GLU A 139 40.87 11.78 -12.26
N LEU A 140 39.69 12.33 -11.97
CA LEU A 140 39.63 13.52 -11.12
C LEU A 140 39.95 13.19 -9.67
N MET A 141 39.48 12.03 -9.19
CA MET A 141 39.85 11.62 -7.84
C MET A 141 41.36 11.47 -7.73
N ARG A 142 41.98 10.84 -8.74
CA ARG A 142 43.42 10.62 -8.68
C ARG A 142 44.19 11.94 -8.76
N ASP A 143 43.81 12.82 -9.69
CA ASP A 143 44.59 14.01 -9.94
C ASP A 143 44.39 15.09 -8.87
N ARG A 144 43.16 15.27 -8.38
CA ARG A 144 42.91 16.35 -7.44
C ARG A 144 42.97 15.92 -5.99
N PHE A 145 42.67 14.66 -5.67
CA PHE A 145 42.60 14.24 -4.29
C PHE A 145 43.54 13.09 -3.93
N GLY A 146 44.36 12.63 -4.87
CA GLY A 146 45.21 11.49 -4.60
C GLY A 146 44.47 10.21 -4.30
N ILE A 147 43.19 10.13 -4.67
CA ILE A 147 42.38 8.94 -4.42
C ILE A 147 42.50 7.99 -5.60
N SER A 148 42.81 6.74 -5.32
CA SER A 148 42.88 5.70 -6.34
C SER A 148 41.57 4.95 -6.39
N VAL A 149 40.88 5.01 -7.54
CA VAL A 149 39.59 4.34 -7.71
C VAL A 149 39.81 3.01 -8.43
N VAL A 150 39.26 1.95 -7.86
CA VAL A 150 39.42 0.59 -8.40
C VAL A 150 38.05 -0.09 -8.45
N ILE A 151 37.81 -0.84 -9.53
CA ILE A 151 36.61 -1.65 -9.68
C ILE A 151 36.86 -3.01 -9.05
N ASP A 152 36.14 -3.31 -7.96
CA ASP A 152 36.37 -4.51 -7.15
C ASP A 152 35.17 -5.44 -7.18
N ASP A 153 35.39 -6.66 -7.68
CA ASP A 153 34.41 -7.73 -7.54
C ASP A 153 34.63 -8.58 -6.30
N ASN A 154 35.45 -8.11 -5.34
CA ASN A 154 35.73 -8.84 -4.12
C ASN A 154 34.98 -8.29 -2.90
N LEU A 155 34.31 -7.14 -3.04
CA LEU A 155 33.46 -6.63 -1.98
C LEU A 155 32.31 -7.60 -1.69
N PRO A 156 31.75 -7.54 -0.46
CA PRO A 156 30.51 -8.28 -0.19
C PRO A 156 29.42 -7.95 -1.19
N ASP A 157 28.41 -8.82 -1.30
CA ASP A 157 27.40 -8.67 -2.34
C ASP A 157 26.66 -7.34 -2.22
N THR A 158 26.42 -6.88 -1.01
CA THR A 158 25.57 -5.73 -0.78
C THR A 158 26.33 -4.39 -0.76
N ALA A 159 27.65 -4.41 -0.90
CA ALA A 159 28.45 -3.20 -0.79
C ALA A 159 28.60 -2.55 -2.17
N LYS A 160 28.13 -1.31 -2.30
CA LYS A 160 28.30 -0.60 -3.56
C LYS A 160 29.68 0.03 -3.68
N ARG A 161 30.24 0.46 -2.55
CA ARG A 161 31.58 1.02 -2.53
C ARG A 161 32.14 0.85 -1.14
N ARG A 162 33.46 0.99 -1.04
CA ARG A 162 34.12 1.16 0.25
C ARG A 162 35.37 2.01 0.05
N TYR A 163 35.57 2.96 0.96
CA TYR A 163 36.68 3.87 0.86
C TYR A 163 37.60 3.63 2.04
N HIS A 164 38.87 3.43 1.75
CA HIS A 164 39.90 3.16 2.73
C HIS A 164 40.70 4.44 2.89
N PRO A 165 40.44 5.23 3.93
CA PRO A 165 41.14 6.51 4.08
C PRO A 165 42.60 6.39 4.50
N ASP A 166 43.01 5.28 5.10
CA ASP A 166 44.42 5.14 5.47
C ASP A 166 45.32 5.10 4.23
N THR A 167 44.93 4.35 3.21
CA THR A 167 45.69 4.31 1.96
C THR A 167 45.04 5.10 0.83
N LYS A 168 43.89 5.74 1.08
CA LYS A 168 43.18 6.53 0.07
C LYS A 168 42.79 5.71 -1.15
N VAL A 169 42.12 4.57 -0.93
CA VAL A 169 41.67 3.74 -2.04
C VAL A 169 40.15 3.63 -2.00
N LEU A 170 39.50 3.95 -3.11
CA LEU A 170 38.06 3.84 -3.24
C LEU A 170 37.74 2.64 -4.14
N ARG A 171 37.09 1.63 -3.57
CA ARG A 171 36.67 0.43 -4.29
C ARG A 171 35.20 0.57 -4.65
N VAL A 172 34.86 0.29 -5.91
CA VAL A 172 33.52 0.44 -6.44
C VAL A 172 33.05 -0.90 -6.98
N ALA A 173 31.78 -1.23 -6.74
CA ALA A 173 31.26 -2.53 -7.11
C ALA A 173 31.24 -2.72 -8.62
N HIS A 174 31.67 -3.90 -9.06
CA HIS A 174 31.72 -4.20 -10.49
C HIS A 174 30.35 -4.28 -11.11
N TRP A 175 29.33 -4.66 -10.34
CA TRP A 175 28.00 -4.85 -10.89
C TRP A 175 27.20 -3.56 -11.07
N LEU A 176 27.73 -2.42 -10.60
CA LEU A 176 27.10 -1.13 -10.88
C LEU A 176 27.34 -0.73 -12.33
N MET A 177 26.27 -0.27 -13.00
CA MET A 177 26.39 0.36 -14.31
C MET A 177 27.22 1.63 -14.20
N PRO A 178 27.76 2.13 -15.33
CA PRO A 178 28.63 3.32 -15.27
C PRO A 178 28.04 4.51 -14.53
N GLY A 179 26.77 4.82 -14.75
CA GLY A 179 26.16 5.94 -14.04
C GLY A 179 26.12 5.74 -12.54
N GLN A 180 25.90 4.50 -12.10
CA GLN A 180 25.91 4.20 -10.67
C GLN A 180 27.32 4.29 -10.10
N ARG A 181 28.32 3.79 -10.84
CA ARG A 181 29.70 3.97 -10.41
C ARG A 181 30.03 5.45 -10.25
N ALA A 182 29.61 6.27 -11.22
CA ALA A 182 29.89 7.70 -11.14
C ALA A 182 29.20 8.32 -9.95
N PHE A 183 27.97 7.89 -9.66
CA PHE A 183 27.27 8.39 -8.48
C PHE A 183 28.04 8.07 -7.20
N GLN A 184 28.48 6.81 -7.06
CA GLN A 184 29.27 6.41 -5.89
C GLN A 184 30.53 7.25 -5.76
N ILE A 185 31.26 7.42 -6.86
CA ILE A 185 32.51 8.16 -6.82
C ILE A 185 32.27 9.62 -6.44
N ALA A 186 31.21 10.23 -7.01
CA ALA A 186 30.92 11.63 -6.70
C ALA A 186 30.42 11.80 -5.26
N THR A 187 29.74 10.79 -4.72
CA THR A 187 29.36 10.84 -3.31
C THR A 187 30.58 10.89 -2.41
N GLN A 188 31.53 9.97 -2.64
CA GLN A 188 32.77 10.01 -1.87
C GLN A 188 33.54 11.31 -2.13
N LEU A 189 33.45 11.83 -3.35
CA LEU A 189 34.08 13.09 -3.70
C LEU A 189 33.51 14.24 -2.87
N ALA A 190 32.19 14.25 -2.67
CA ALA A 190 31.60 15.24 -1.79
C ALA A 190 32.10 15.07 -0.36
N LEU A 191 32.21 13.83 0.09
CA LEU A 191 32.55 13.61 1.50
C LEU A 191 34.00 13.95 1.81
N VAL A 192 34.92 13.81 0.85
CA VAL A 192 36.31 14.17 1.11
C VAL A 192 36.70 15.55 0.60
N GLY A 193 36.01 16.08 -0.41
CA GLY A 193 36.43 17.30 -1.09
C GLY A 193 35.52 18.48 -0.84
N GLN A 194 34.33 18.23 -0.29
CA GLN A 194 33.38 19.28 0.06
C GLN A 194 32.95 19.16 1.52
N SER A 195 33.85 18.65 2.37
CA SER A 195 33.48 18.36 3.76
C SER A 195 33.11 19.63 4.53
N ASP A 196 33.89 20.71 4.36
CA ASP A 196 33.64 21.93 5.14
C ASP A 196 32.37 22.64 4.67
N LEU A 197 32.09 22.61 3.36
CA LEU A 197 30.87 23.23 2.83
C LEU A 197 29.64 22.47 3.32
N ILE A 198 29.74 21.14 3.36
CA ILE A 198 28.66 20.31 3.89
C ILE A 198 28.47 20.59 5.37
N SER A 199 29.57 20.72 6.12
CA SER A 199 29.47 20.99 7.55
C SER A 199 28.76 22.31 7.82
N SER A 200 29.08 23.36 7.06
CA SER A 200 28.43 24.64 7.32
C SER A 200 26.95 24.61 6.92
N ILE A 201 26.65 23.93 5.81
CA ILE A 201 25.24 23.81 5.42
C ILE A 201 24.45 23.08 6.50
N VAL A 202 25.02 22.01 7.05
CA VAL A 202 24.38 21.33 8.18
C VAL A 202 24.21 22.29 9.34
N ALA A 203 25.25 23.11 9.60
CA ALA A 203 25.20 24.05 10.71
C ALA A 203 24.07 25.06 10.59
N THR A 204 23.57 25.30 9.38
CA THR A 204 22.46 26.26 9.28
C THR A 204 21.15 25.76 9.91
N ASP A 205 21.07 24.53 10.42
CA ASP A 205 19.90 24.05 11.15
C ASP A 205 20.36 23.57 12.52
N ASP A 206 20.30 24.46 13.52
CA ASP A 206 20.81 24.15 14.85
C ASP A 206 19.96 23.11 15.59
N GLN A 207 18.70 22.92 15.19
CA GLN A 207 17.80 22.02 15.90
C GLN A 207 17.98 20.54 15.54
N LEU A 208 18.82 20.21 14.56
CA LEU A 208 18.97 18.82 14.16
C LEU A 208 19.66 18.01 15.25
N SER A 209 19.11 16.83 15.54
CA SER A 209 19.68 15.94 16.54
C SER A 209 21.06 15.46 16.10
N THR A 210 21.73 14.77 17.02
CA THR A 210 23.10 14.32 16.77
C THR A 210 23.18 13.35 15.59
N GLU A 211 22.26 12.38 15.52
CA GLU A 211 22.28 11.43 14.41
C GLU A 211 21.73 12.02 13.13
N ALA A 212 20.75 12.93 13.26
CA ALA A 212 20.22 13.62 12.09
C ALA A 212 21.30 14.42 11.36
N ARG A 213 22.33 14.88 12.07
CA ARG A 213 23.38 15.63 11.40
C ARG A 213 24.21 14.74 10.48
N GLY A 214 24.52 13.51 10.92
CA GLY A 214 25.22 12.59 10.04
C GLY A 214 24.36 12.15 8.88
N VAL A 215 23.07 11.90 9.14
CA VAL A 215 22.16 11.52 8.07
C VAL A 215 22.05 12.64 7.04
N ALA A 216 22.03 13.89 7.53
CA ALA A 216 22.00 15.05 6.63
C ALA A 216 23.31 15.20 5.86
N ARG A 217 24.44 14.85 6.49
CA ARG A 217 25.70 14.84 5.75
C ARG A 217 25.61 13.88 4.58
N ILE A 218 24.99 12.71 4.78
CA ILE A 218 24.87 11.76 3.67
C ILE A 218 23.90 12.26 2.63
N GLY A 219 22.80 12.90 3.07
CA GLY A 219 21.88 13.50 2.12
C GLY A 219 22.51 14.57 1.27
N LEU A 220 23.37 15.39 1.86
CA LEU A 220 24.02 16.45 1.11
C LEU A 220 25.09 15.90 0.18
N ALA A 221 25.77 14.82 0.59
CA ALA A 221 26.70 14.17 -0.33
C ALA A 221 25.96 13.59 -1.53
N ASN A 222 24.80 12.95 -1.29
CA ASN A 222 23.98 12.49 -2.40
C ASN A 222 23.53 13.65 -3.30
N TYR A 223 23.13 14.76 -2.68
CA TYR A 223 22.75 15.93 -3.47
C TYR A 223 23.91 16.39 -4.33
N PHE A 224 25.12 16.41 -3.78
CA PHE A 224 26.29 16.81 -4.56
C PHE A 224 26.51 15.85 -5.73
N ALA A 225 26.39 14.55 -5.47
CA ALA A 225 26.58 13.58 -6.54
C ALA A 225 25.55 13.78 -7.66
N GLY A 226 24.30 14.02 -7.29
CA GLY A 226 23.29 14.33 -8.29
C GLY A 226 23.57 15.60 -9.06
N ALA A 227 24.04 16.64 -8.36
CA ALA A 227 24.32 17.93 -8.99
C ALA A 227 25.59 17.92 -9.81
N PHE A 228 26.46 16.94 -9.58
CA PHE A 228 27.67 16.76 -10.37
C PHE A 228 27.40 15.92 -11.61
N LEU A 229 26.72 14.77 -11.44
CA LEU A 229 26.36 13.95 -12.59
C LEU A 229 25.44 14.71 -13.54
N LEU A 230 24.58 15.55 -12.99
CA LEU A 230 23.58 16.31 -13.75
C LEU A 230 23.82 17.80 -13.52
N PRO A 231 24.87 18.36 -14.11
CA PRO A 231 25.17 19.79 -13.90
C PRO A 231 23.96 20.66 -14.19
N TYR A 232 23.71 21.63 -13.30
CA TYR A 232 22.43 22.33 -13.25
C TYR A 232 22.03 22.89 -14.61
N ARG A 233 22.83 23.80 -15.16
CA ARG A 233 22.40 24.50 -16.36
C ARG A 233 22.21 23.53 -17.51
N GLU A 234 23.12 22.57 -17.65
CA GLU A 234 23.00 21.61 -18.74
C GLU A 234 21.77 20.73 -18.58
N PHE A 235 21.51 20.25 -17.35
CA PHE A 235 20.38 19.35 -17.10
C PHE A 235 19.03 20.07 -17.24
N HIS A 236 18.91 21.25 -16.65
CA HIS A 236 17.71 22.07 -16.83
C HIS A 236 17.47 22.32 -18.30
N ARG A 237 18.57 22.55 -19.02
CA ARG A 237 18.51 22.99 -20.39
C ARG A 237 18.01 21.83 -21.28
N ALA A 238 18.43 20.61 -20.93
CA ALA A 238 17.97 19.41 -21.63
C ALA A 238 16.56 19.01 -21.21
N ALA A 239 16.22 19.20 -19.94
CA ALA A 239 14.88 18.88 -19.46
C ALA A 239 13.83 19.72 -20.17
N GLU A 240 14.16 20.99 -20.42
CA GLU A 240 13.23 21.82 -21.17
C GLU A 240 13.19 21.41 -22.63
N GLN A 241 14.35 21.13 -23.23
CA GLN A 241 14.33 20.71 -24.64
C GLN A 241 13.58 19.39 -24.84
N LEU A 242 13.71 18.45 -23.91
CA LEU A 242 13.10 17.13 -24.05
C LEU A 242 11.67 17.07 -23.51
N ARG A 243 11.12 18.20 -23.06
CA ARG A 243 9.79 18.25 -22.46
C ARG A 243 9.67 17.26 -21.30
N TYR A 244 10.74 17.15 -20.52
CA TYR A 244 10.78 16.42 -19.26
C TYR A 244 10.59 14.91 -19.43
N ASP A 245 11.00 14.38 -20.58
CA ASP A 245 10.97 12.93 -20.80
C ASP A 245 12.05 12.27 -19.96
N ILE A 246 11.66 11.58 -18.91
CA ILE A 246 12.61 11.07 -17.92
C ILE A 246 13.51 10.01 -18.53
N ASP A 247 12.96 9.13 -19.37
CA ASP A 247 13.77 8.12 -20.04
C ASP A 247 14.81 8.75 -20.95
N LEU A 248 14.43 9.77 -21.72
CA LEU A 248 15.39 10.42 -22.62
C LEU A 248 16.46 11.18 -21.85
N LEU A 249 16.10 11.80 -20.72
CA LEU A 249 17.10 12.44 -19.88
C LEU A 249 18.08 11.42 -19.33
N GLY A 250 17.58 10.27 -18.84
CA GLY A 250 18.45 9.23 -18.37
C GLY A 250 19.38 8.69 -19.45
N ARG A 251 18.85 8.55 -20.67
CA ARG A 251 19.66 8.08 -21.80
C ARG A 251 20.78 9.07 -22.11
N ARG A 252 20.45 10.37 -22.14
CA ARG A 252 21.48 11.36 -22.48
C ARG A 252 22.55 11.47 -21.41
N PHE A 253 22.15 11.39 -20.14
CA PHE A 253 23.09 11.54 -19.04
C PHE A 253 23.57 10.22 -18.44
N GLY A 254 23.08 9.09 -18.93
CA GLY A 254 23.57 7.80 -18.47
C GLY A 254 23.23 7.45 -17.04
N VAL A 255 22.04 7.82 -16.57
CA VAL A 255 21.58 7.53 -15.22
C VAL A 255 20.18 6.93 -15.32
N GLY A 256 19.72 6.38 -14.20
CA GLY A 256 18.41 5.75 -14.15
C GLY A 256 17.26 6.71 -13.88
N PHE A 257 16.07 6.10 -13.83
CA PHE A 257 14.82 6.85 -13.71
C PHE A 257 14.74 7.60 -12.39
N GLU A 258 15.06 6.93 -11.29
CA GLU A 258 14.97 7.52 -9.97
C GLU A 258 15.94 8.69 -9.83
N THR A 259 17.16 8.56 -10.40
CA THR A 259 18.14 9.64 -10.32
C THR A 259 17.65 10.89 -11.06
N VAL A 260 17.09 10.69 -12.25
CA VAL A 260 16.52 11.81 -13.01
C VAL A 260 15.40 12.48 -12.24
N CYS A 261 14.49 11.69 -11.66
CA CYS A 261 13.38 12.31 -10.93
C CYS A 261 13.87 13.09 -9.72
N HIS A 262 14.85 12.53 -9.00
CA HIS A 262 15.54 13.24 -7.94
C HIS A 262 15.99 14.62 -8.43
N ARG A 263 16.76 14.64 -9.51
CA ARG A 263 17.31 15.91 -9.98
C ARG A 263 16.22 16.88 -10.45
N LEU A 264 15.17 16.35 -11.08
CA LEU A 264 14.08 17.22 -11.55
C LEU A 264 13.40 17.91 -10.38
N SER A 265 13.31 17.23 -9.23
CA SER A 265 12.70 17.89 -8.09
C SER A 265 13.59 18.96 -7.44
N THR A 266 14.79 19.24 -7.96
CA THR A 266 15.71 20.20 -7.34
C THR A 266 15.89 21.49 -8.13
N LEU A 267 15.15 21.71 -9.21
CA LEU A 267 15.45 22.81 -10.12
C LEU A 267 14.74 24.08 -9.64
N GLN A 268 15.25 24.60 -8.51
CA GLN A 268 14.71 25.80 -7.87
C GLN A 268 15.75 26.91 -7.79
N ARG A 269 16.72 26.90 -8.70
CA ARG A 269 17.70 27.97 -8.74
C ARG A 269 17.02 29.26 -9.19
N PRO A 270 17.17 30.36 -8.44
CA PRO A 270 16.57 31.62 -8.88
C PRO A 270 17.03 31.99 -10.28
N ARG A 271 16.09 32.45 -11.09
CA ARG A 271 16.23 32.88 -12.48
C ARG A 271 16.35 31.72 -13.46
N GLN A 272 16.50 30.47 -13.01
CA GLN A 272 16.52 29.31 -13.89
C GLN A 272 15.79 28.14 -13.23
N ARG A 273 14.55 28.38 -12.84
CA ARG A 273 13.73 27.35 -12.21
C ARG A 273 13.10 26.44 -13.25
N GLY A 274 13.10 25.13 -12.97
CA GLY A 274 12.27 24.20 -13.69
C GLY A 274 10.90 24.10 -13.06
N ILE A 275 10.07 23.23 -13.63
CA ILE A 275 8.76 22.90 -13.09
C ILE A 275 8.90 22.55 -11.61
N PRO A 276 8.08 23.13 -10.73
CA PRO A 276 8.12 22.75 -9.31
C PRO A 276 7.46 21.40 -9.10
N PHE A 277 8.24 20.43 -8.62
CA PHE A 277 7.83 19.05 -8.52
C PHE A 277 7.78 18.58 -7.06
N ILE A 278 6.93 17.60 -6.80
CA ILE A 278 7.05 16.75 -5.63
C ILE A 278 7.40 15.35 -6.08
N PHE A 279 8.42 14.76 -5.44
CA PHE A 279 8.96 13.45 -5.75
C PHE A 279 8.66 12.54 -4.57
N VAL A 280 8.13 11.35 -4.85
CA VAL A 280 7.86 10.37 -3.80
C VAL A 280 8.38 9.02 -4.24
N ARG A 281 8.74 8.19 -3.27
CA ARG A 281 9.05 6.79 -3.51
C ARG A 281 8.22 5.91 -2.58
N THR A 282 7.51 4.95 -3.16
CA THR A 282 6.64 4.06 -2.42
C THR A 282 7.03 2.60 -2.68
N ASP A 283 6.51 1.71 -1.83
CA ASP A 283 6.60 0.28 -2.07
C ASP A 283 5.21 -0.32 -2.26
N LYS A 284 5.17 -1.65 -2.41
CA LYS A 284 3.94 -2.35 -2.69
C LYS A 284 2.90 -2.22 -1.57
N ALA A 285 3.32 -1.92 -0.34
CA ALA A 285 2.40 -1.79 0.79
C ALA A 285 2.01 -0.34 1.06
N GLY A 286 2.40 0.60 0.19
CA GLY A 286 2.06 2.00 0.36
C GLY A 286 3.02 2.82 1.22
N ASN A 287 4.09 2.23 1.73
CA ASN A 287 5.08 3.00 2.49
C ASN A 287 5.76 4.00 1.58
N ILE A 288 5.71 5.28 1.94
CA ILE A 288 6.42 6.33 1.22
C ILE A 288 7.74 6.56 1.94
N SER A 289 8.84 6.13 1.34
CA SER A 289 10.16 6.19 1.97
C SER A 289 10.99 7.38 1.52
N LYS A 290 10.55 8.13 0.50
CA LYS A 290 11.19 9.37 0.08
C LYS A 290 10.13 10.39 -0.26
N ARG A 291 10.27 11.61 0.26
CA ARG A 291 9.47 12.77 -0.12
C ARG A 291 10.37 13.97 -0.30
N GLN A 292 10.33 14.59 -1.49
CA GLN A 292 11.06 15.82 -1.75
C GLN A 292 10.18 16.77 -2.55
N SER A 293 10.17 18.05 -2.20
CA SER A 293 9.27 18.95 -2.91
C SER A 293 9.92 20.31 -3.12
N ALA A 294 9.70 20.88 -4.31
CA ALA A 294 10.14 22.24 -4.60
C ALA A 294 9.41 23.26 -3.74
N THR A 295 8.15 23.00 -3.42
CA THR A 295 7.33 23.89 -2.61
C THR A 295 6.33 23.04 -1.85
N ALA A 296 5.35 23.69 -1.22
CA ALA A 296 4.37 22.97 -0.41
C ALA A 296 3.40 22.19 -1.31
N PHE A 297 3.31 20.88 -1.06
CA PHE A 297 2.34 20.00 -1.71
C PHE A 297 1.64 19.20 -0.62
N HIS A 298 0.55 18.55 -1.00
CA HIS A 298 -0.25 17.81 -0.02
C HIS A 298 0.54 16.67 0.63
N PHE A 299 1.37 15.98 -0.16
CA PHE A 299 2.12 14.83 0.31
C PHE A 299 3.58 15.15 0.61
N SER A 300 3.90 16.42 0.85
CA SER A 300 5.30 16.81 1.07
C SER A 300 5.87 16.14 2.33
N ARG A 301 5.07 16.01 3.38
CA ARG A 301 5.59 15.55 4.66
C ARG A 301 4.81 14.35 5.20
N VAL A 302 3.48 14.40 5.14
CA VAL A 302 2.63 13.32 5.61
C VAL A 302 1.56 13.03 4.56
N GLY A 303 0.79 11.98 4.82
CA GLY A 303 -0.30 11.58 3.94
C GLY A 303 0.17 10.84 2.69
N GLY A 304 -0.81 10.36 1.93
CA GLY A 304 -0.54 9.68 0.67
C GLY A 304 -1.05 8.25 0.56
N SER A 305 -1.92 7.84 1.48
CA SER A 305 -2.44 6.48 1.52
C SER A 305 -3.82 6.37 0.86
N CYS A 306 -4.06 7.09 -0.24
CA CYS A 306 -5.31 6.97 -0.97
C CYS A 306 -5.14 5.98 -2.12
N PRO A 307 -5.95 4.92 -2.18
CA PRO A 307 -5.73 3.89 -3.22
C PRO A 307 -6.11 4.32 -4.63
N LEU A 308 -6.76 5.46 -4.81
CA LEU A 308 -7.07 5.92 -6.17
C LEU A 308 -5.97 6.78 -6.74
N TRP A 309 -4.97 7.13 -5.93
CA TRP A 309 -3.79 7.84 -6.39
C TRP A 309 -2.94 6.94 -7.27
N VAL A 310 -2.51 7.47 -8.42
CA VAL A 310 -1.93 6.63 -9.47
C VAL A 310 -0.58 6.04 -9.08
N VAL A 311 0.10 6.62 -8.09
CA VAL A 311 1.43 6.12 -7.71
C VAL A 311 1.33 4.69 -7.18
N HIS A 312 0.27 4.39 -6.43
CA HIS A 312 0.07 3.03 -5.95
C HIS A 312 -0.32 2.07 -7.06
N ASP A 313 -0.79 2.57 -8.21
CA ASP A 313 -1.15 1.72 -9.33
C ASP A 313 0.05 1.33 -10.19
N ALA A 314 1.23 1.88 -9.89
CA ALA A 314 2.42 1.58 -10.69
C ALA A 314 2.79 0.11 -10.63
N PHE A 315 2.61 -0.52 -9.46
CA PHE A 315 2.93 -1.94 -9.35
C PHE A 315 1.94 -2.82 -10.09
N ALA A 316 0.72 -2.32 -10.35
CA ALA A 316 -0.23 -3.09 -11.13
C ALA A 316 0.20 -3.17 -12.59
N GLN A 317 0.90 -2.15 -13.07
CA GLN A 317 1.40 -2.09 -14.44
C GLN A 317 2.91 -1.87 -14.39
N PRO A 318 3.69 -2.91 -14.06
CA PRO A 318 5.10 -2.70 -13.74
C PRO A 318 5.94 -2.25 -14.93
N GLU A 319 6.94 -1.43 -14.61
CA GLU A 319 7.87 -0.86 -15.58
C GLU A 319 7.20 -0.21 -16.79
N ARG A 320 6.00 0.34 -16.63
CA ARG A 320 5.43 1.22 -17.64
C ARG A 320 4.93 2.48 -16.96
N ILE A 321 5.18 3.63 -17.59
CA ILE A 321 4.81 4.91 -16.99
C ILE A 321 3.29 5.02 -16.89
N VAL A 322 2.82 5.34 -15.70
CA VAL A 322 1.41 5.63 -15.45
C VAL A 322 1.28 7.13 -15.21
N ARG A 323 0.10 7.66 -15.52
CA ARG A 323 -0.16 9.10 -15.46
C ARG A 323 -1.58 9.30 -14.95
N GLN A 324 -1.81 10.45 -14.33
CA GLN A 324 -3.13 10.75 -13.81
C GLN A 324 -3.29 12.25 -13.60
N VAL A 325 -4.47 12.75 -13.94
CA VAL A 325 -4.92 14.08 -13.53
C VAL A 325 -5.75 13.90 -12.26
N ALA A 326 -5.19 14.29 -11.12
CA ALA A 326 -5.80 14.08 -9.82
C ALA A 326 -6.34 15.40 -9.27
N GLN A 327 -7.44 15.31 -8.53
CA GLN A 327 -8.00 16.45 -7.81
C GLN A 327 -8.09 16.12 -6.34
N MET A 328 -7.45 16.94 -5.51
CA MET A 328 -7.52 16.81 -4.06
C MET A 328 -8.87 17.31 -3.55
N PRO A 329 -9.25 16.91 -2.33
CA PRO A 329 -10.57 17.34 -1.81
C PRO A 329 -10.75 18.85 -1.69
N ASP A 330 -9.67 19.63 -1.67
CA ASP A 330 -9.78 21.08 -1.58
C ASP A 330 -9.88 21.76 -2.95
N GLY A 331 -9.99 20.99 -4.03
CA GLY A 331 -10.15 21.53 -5.37
C GLY A 331 -8.87 21.66 -6.18
N ARG A 332 -7.71 21.63 -5.55
CA ARG A 332 -6.47 21.84 -6.30
C ARG A 332 -6.15 20.60 -7.14
N SER A 333 -5.69 20.83 -8.36
CA SER A 333 -5.48 19.78 -9.35
C SER A 333 -3.99 19.58 -9.64
N TYR A 334 -3.62 18.32 -9.87
CA TYR A 334 -2.23 17.94 -10.04
C TYR A 334 -2.10 16.91 -11.15
N PHE A 335 -0.93 16.91 -11.79
CA PHE A 335 -0.55 15.88 -12.74
C PHE A 335 0.53 15.00 -12.12
N TRP A 336 0.32 13.69 -12.18
CA TRP A 336 1.19 12.70 -11.56
C TRP A 336 1.65 11.70 -12.61
N VAL A 337 2.95 11.43 -12.63
CA VAL A 337 3.50 10.31 -13.40
C VAL A 337 4.27 9.43 -12.42
N ALA A 338 4.24 8.13 -12.67
CA ALA A 338 4.93 7.20 -11.79
C ALA A 338 5.38 5.99 -12.60
N LYS A 339 6.40 5.31 -12.07
CA LYS A 339 6.88 4.09 -12.69
C LYS A 339 7.61 3.27 -11.65
N THR A 340 7.51 1.95 -11.78
CA THR A 340 8.29 1.08 -10.92
C THR A 340 9.75 1.12 -11.34
N THR A 341 10.63 1.11 -10.34
CA THR A 341 12.03 0.81 -10.51
C THR A 341 12.24 -0.52 -9.79
N ALA A 342 12.63 -1.54 -10.56
CA ALA A 342 12.90 -2.89 -10.06
C ALA A 342 14.21 -3.31 -10.70
N ALA A 343 15.31 -3.11 -10.00
CA ALA A 343 16.64 -3.52 -10.44
C ALA A 343 17.23 -4.52 -9.45
N ASP A 344 17.16 -5.81 -9.77
CA ASP A 344 17.94 -6.66 -8.88
C ASP A 344 19.12 -7.36 -9.60
N GLY A 345 18.97 -8.64 -9.92
CA GLY A 345 20.13 -9.46 -10.22
C GLY A 345 20.76 -9.85 -8.90
N LEU A 346 19.92 -10.13 -7.90
CA LEU A 346 20.34 -10.74 -6.66
C LEU A 346 19.98 -12.22 -6.61
N GLY A 347 19.62 -12.80 -7.76
CA GLY A 347 19.27 -14.20 -7.82
C GLY A 347 17.76 -14.43 -7.69
N TYR A 348 17.32 -15.56 -8.26
CA TYR A 348 15.90 -15.90 -8.19
C TYR A 348 15.44 -16.08 -6.75
N LEU A 349 16.29 -16.64 -5.90
CA LEU A 349 15.93 -16.86 -4.50
C LEU A 349 16.17 -15.66 -3.63
N GLY A 350 17.09 -14.77 -4.03
CA GLY A 350 17.53 -13.67 -3.20
C GLY A 350 16.42 -12.72 -2.78
N PRO A 351 16.76 -11.76 -1.93
CA PRO A 351 15.80 -10.71 -1.59
C PRO A 351 15.76 -9.67 -2.70
N HIS A 352 14.54 -9.24 -3.04
CA HIS A 352 14.36 -8.29 -4.12
C HIS A 352 13.88 -6.96 -3.58
N LYS A 353 14.30 -5.88 -4.23
CA LYS A 353 13.88 -4.54 -3.88
C LYS A 353 13.04 -3.98 -5.04
N ASN A 354 11.81 -3.60 -4.72
CA ASN A 354 10.85 -3.09 -5.71
C ASN A 354 10.31 -1.77 -5.18
N PHE A 355 10.49 -0.70 -5.95
CA PHE A 355 9.97 0.59 -5.56
C PHE A 355 9.21 1.20 -6.73
N ALA A 356 8.37 2.17 -6.43
CA ALA A 356 7.77 3.01 -7.45
C ALA A 356 8.12 4.46 -7.15
N VAL A 357 8.47 5.20 -8.19
CA VAL A 357 8.84 6.60 -8.09
C VAL A 357 7.79 7.44 -8.79
N GLY A 358 7.31 8.48 -8.12
CA GLY A 358 6.29 9.36 -8.64
C GLY A 358 6.73 10.81 -8.62
N LEU A 359 6.38 11.54 -9.69
CA LEU A 359 6.64 12.96 -9.85
C LEU A 359 5.31 13.67 -10.09
N GLY A 360 5.01 14.66 -9.26
CA GLY A 360 3.76 15.39 -9.38
C GLY A 360 4.00 16.89 -9.47
N CYS A 361 3.07 17.56 -10.14
CA CYS A 361 3.13 19.02 -10.23
C CYS A 361 1.71 19.56 -10.33
N ASP A 362 1.59 20.89 -10.19
CA ASP A 362 0.31 21.53 -10.42
C ASP A 362 -0.14 21.29 -11.85
N LEU A 363 -1.46 21.13 -12.04
CA LEU A 363 -2.01 20.90 -13.37
C LEU A 363 -1.59 21.98 -14.36
N ALA A 364 -1.41 23.22 -13.89
CA ALA A 364 -1.07 24.33 -14.78
C ALA A 364 0.26 24.11 -15.49
N HIS A 365 1.13 23.25 -14.98
CA HIS A 365 2.40 22.95 -15.65
C HIS A 365 2.33 21.73 -16.56
N ALA A 366 1.26 20.93 -16.46
CA ALA A 366 1.22 19.63 -17.12
C ALA A 366 1.47 19.72 -18.62
N HIS A 367 1.09 20.84 -19.25
CA HIS A 367 1.21 20.96 -20.70
C HIS A 367 2.67 21.03 -21.16
N LYS A 368 3.63 21.26 -20.25
CA LYS A 368 5.03 21.26 -20.66
C LYS A 368 5.65 19.87 -20.57
N LEU A 369 4.90 18.88 -20.09
CA LEU A 369 5.38 17.51 -20.01
C LEU A 369 4.98 16.72 -21.25
N VAL A 370 5.90 15.88 -21.72
CA VAL A 370 5.56 14.95 -22.79
C VAL A 370 4.45 14.00 -22.36
N TYR A 371 4.37 13.70 -21.05
CA TYR A 371 3.38 12.77 -20.52
C TYR A 371 1.95 13.28 -20.61
N SER A 372 1.73 14.55 -20.92
CA SER A 372 0.38 15.04 -21.14
C SER A 372 -0.09 14.84 -22.57
N THR A 373 0.76 14.35 -23.46
CA THR A 373 0.37 14.11 -24.84
C THR A 373 -0.83 13.16 -24.89
N GLY A 374 -1.84 13.53 -25.67
CA GLY A 374 -3.05 12.76 -25.78
C GLY A 374 -4.06 12.95 -24.67
N VAL A 375 -3.73 13.73 -23.64
CA VAL A 375 -4.61 13.93 -22.49
C VAL A 375 -5.23 15.30 -22.56
N VAL A 376 -6.53 15.37 -22.29
CA VAL A 376 -7.25 16.64 -22.19
C VAL A 376 -7.02 17.20 -20.80
N LEU A 377 -6.53 18.43 -20.71
CA LEU A 377 -6.19 19.05 -19.43
C LEU A 377 -7.08 20.23 -19.08
N ASP A 378 -8.01 20.61 -19.97
CA ASP A 378 -8.89 21.75 -19.74
C ASP A 378 -10.33 21.30 -19.48
N ASP A 379 -10.48 20.21 -18.73
CA ASP A 379 -11.79 19.63 -18.46
C ASP A 379 -11.79 19.10 -17.03
N PRO A 380 -12.21 19.93 -16.07
CA PRO A 380 -12.17 19.49 -14.66
C PRO A 380 -13.10 18.32 -14.35
N SER A 381 -13.97 17.92 -15.28
CA SER A 381 -14.82 16.76 -15.06
C SER A 381 -14.07 15.45 -15.25
N THR A 382 -13.00 15.45 -16.06
CA THR A 382 -12.22 14.24 -16.31
C THR A 382 -11.15 13.99 -15.25
N GLU A 383 -11.00 14.88 -14.27
CA GLU A 383 -10.01 14.69 -13.21
C GLU A 383 -10.49 13.62 -12.23
N VAL A 384 -9.54 12.84 -11.73
CA VAL A 384 -9.86 11.75 -10.80
C VAL A 384 -9.88 12.32 -9.39
N PRO A 385 -10.93 12.05 -8.61
CA PRO A 385 -10.97 12.57 -7.23
C PRO A 385 -10.27 11.65 -6.25
N ILE A 386 -9.17 12.13 -5.67
CA ILE A 386 -8.39 11.37 -4.71
C ILE A 386 -8.37 12.14 -3.39
N GLY A 387 -7.79 11.50 -2.38
CA GLY A 387 -7.63 12.13 -1.09
C GLY A 387 -6.23 11.96 -0.57
N ALA A 388 -6.02 12.23 0.72
CA ALA A 388 -4.71 12.07 1.34
C ALA A 388 -4.62 10.82 2.20
N GLY A 389 -5.68 10.03 2.26
CA GLY A 389 -5.82 8.94 3.22
C GLY A 389 -7.21 9.01 3.78
N CYS A 390 -7.86 7.85 3.95
CA CYS A 390 -9.30 7.83 4.16
C CYS A 390 -9.70 8.52 5.46
N LYS A 391 -8.89 8.39 6.51
CA LYS A 391 -9.25 8.99 7.79
C LYS A 391 -9.12 10.51 7.80
N ILE A 392 -8.39 11.10 6.87
CA ILE A 392 -8.27 12.55 6.76
C ILE A 392 -8.90 13.07 5.46
N CYS A 393 -9.77 12.28 4.85
CA CYS A 393 -10.43 12.63 3.60
C CYS A 393 -11.91 12.83 3.86
N ASN A 394 -12.45 13.99 3.49
CA ASN A 394 -13.82 14.34 3.80
C ASN A 394 -14.78 14.08 2.65
N ARG A 395 -14.33 13.38 1.60
CA ARG A 395 -15.23 13.08 0.50
C ARG A 395 -16.37 12.21 1.01
N THR A 396 -17.59 12.53 0.55
CA THR A 396 -18.80 11.92 1.09
C THR A 396 -19.31 10.75 0.29
N SER A 397 -18.91 10.61 -0.97
CA SER A 397 -19.48 9.61 -1.88
C SER A 397 -18.40 8.78 -2.55
N CYS A 398 -17.36 8.41 -1.79
CA CYS A 398 -16.27 7.60 -2.32
C CYS A 398 -16.58 6.11 -2.11
N ALA A 399 -16.69 5.37 -3.22
CA ALA A 399 -16.94 3.93 -3.12
C ALA A 399 -15.72 3.14 -2.65
N GLN A 400 -14.51 3.70 -2.79
CA GLN A 400 -13.29 3.02 -2.39
C GLN A 400 -12.96 3.20 -0.91
N ARG A 401 -13.68 4.07 -0.21
CA ARG A 401 -13.32 4.47 1.15
C ARG A 401 -13.08 3.27 2.05
N ALA A 402 -11.96 3.29 2.76
CA ALA A 402 -11.55 2.20 3.63
C ALA A 402 -11.86 2.45 5.10
N PHE A 403 -11.81 3.70 5.54
CA PHE A 403 -12.03 4.08 6.93
C PHE A 403 -12.94 5.29 6.96
N PRO A 404 -13.66 5.50 8.06
CA PRO A 404 -14.46 6.72 8.21
C PRO A 404 -13.58 7.95 8.37
N TYR A 405 -14.05 9.06 7.82
CA TYR A 405 -13.37 10.33 7.98
C TYR A 405 -13.43 10.76 9.44
N LEU A 406 -12.29 11.20 9.98
CA LEU A 406 -12.20 11.44 11.42
C LEU A 406 -13.01 12.66 11.83
N GLY A 407 -13.14 13.65 10.95
CA GLY A 407 -14.01 14.77 11.23
C GLY A 407 -15.48 14.38 11.15
N GLY A 408 -16.24 14.78 12.16
CA GLY A 408 -17.65 14.43 12.27
C GLY A 408 -17.90 12.93 12.19
N ARG A 409 -19.17 12.52 12.16
CA ARG A 409 -19.48 11.10 12.05
C ARG A 409 -20.75 10.90 11.24
N VAL A 410 -20.87 9.70 10.63
CA VAL A 410 -21.98 9.37 9.75
C VAL A 410 -23.01 8.58 10.56
N ALA A 411 -24.26 8.65 10.12
CA ALA A 411 -25.34 7.87 10.72
C ALA A 411 -25.21 6.39 10.37
N VAL A 412 -25.65 5.55 11.29
CA VAL A 412 -25.73 4.10 11.09
C VAL A 412 -27.19 3.75 10.85
N ASP A 413 -27.46 3.06 9.76
CA ASP A 413 -28.83 2.80 9.30
C ASP A 413 -29.04 1.31 9.08
N GLU A 414 -29.84 0.70 9.97
CA GLU A 414 -30.19 -0.71 9.85
C GLU A 414 -31.09 -1.00 8.66
N ASN A 415 -31.74 0.02 8.10
CA ASN A 415 -32.73 -0.19 7.04
C ASN A 415 -32.19 0.10 5.66
N ALA A 416 -30.87 0.22 5.51
CA ALA A 416 -30.30 0.57 4.23
C ALA A 416 -29.01 -0.19 3.99
N GLY A 417 -28.80 -0.58 2.75
CA GLY A 417 -27.52 -1.11 2.32
C GLY A 417 -27.01 -0.28 1.15
N SER A 418 -25.70 -0.04 1.14
CA SER A 418 -25.11 0.91 0.21
C SER A 418 -23.78 0.38 -0.29
N SER A 419 -23.46 0.73 -1.53
CA SER A 419 -22.14 0.49 -2.10
C SER A 419 -21.14 1.60 -1.75
N LEU A 420 -21.50 2.51 -0.85
CA LEU A 420 -20.58 3.55 -0.40
C LEU A 420 -20.26 3.33 1.06
N PRO A 421 -19.12 2.73 1.41
CA PRO A 421 -18.83 2.44 2.81
C PRO A 421 -18.65 3.71 3.64
N TYR A 422 -19.23 3.68 4.84
CA TYR A 422 -19.18 4.79 5.78
C TYR A 422 -19.79 6.06 5.19
N SER A 423 -20.92 5.89 4.48
CA SER A 423 -21.56 7.00 3.77
C SER A 423 -22.48 7.81 4.68
N SER A 424 -23.62 7.22 5.03
CA SER A 424 -24.79 7.80 5.76
C SER A 424 -25.94 8.04 4.79
N PRO B 95 -9.53 4.03 20.94
CA PRO B 95 -9.85 3.42 19.66
C PRO B 95 -11.12 4.04 19.03
N MET B 96 -11.44 3.79 17.76
CA MET B 96 -12.68 4.30 17.16
C MET B 96 -13.68 3.15 17.06
N PRO B 97 -14.93 3.43 16.71
CA PRO B 97 -15.96 2.37 16.79
C PRO B 97 -15.71 1.17 15.88
N PHE B 98 -15.20 1.36 14.66
CA PHE B 98 -14.94 0.18 13.83
C PHE B 98 -13.84 -0.67 14.43
N GLU B 99 -12.87 -0.04 15.11
CA GLU B 99 -11.86 -0.81 15.83
C GLU B 99 -12.47 -1.50 17.05
N GLU B 100 -13.42 -0.83 17.72
CA GLU B 100 -14.10 -1.47 18.84
C GLU B 100 -14.83 -2.73 18.40
N VAL B 101 -15.46 -2.70 17.22
CA VAL B 101 -16.21 -3.88 16.79
C VAL B 101 -15.27 -4.95 16.23
N ARG B 102 -14.18 -4.53 15.56
CA ARG B 102 -13.14 -5.49 15.20
C ARG B 102 -12.65 -6.25 16.44
N ASP B 103 -12.42 -5.52 17.53
CA ASP B 103 -12.01 -6.16 18.78
C ASP B 103 -13.13 -6.98 19.41
N PHE B 104 -14.38 -6.54 19.26
CA PHE B 104 -15.51 -7.32 19.76
C PHE B 104 -15.53 -8.71 19.13
N PHE B 105 -15.33 -8.77 17.82
CA PHE B 105 -15.32 -10.06 17.14
C PHE B 105 -14.03 -10.83 17.42
N TYR B 106 -12.91 -10.11 17.52
CA TYR B 106 -11.64 -10.78 17.81
C TYR B 106 -11.67 -11.44 19.19
N ASP B 107 -12.29 -10.77 20.17
CA ASP B 107 -12.36 -11.32 21.52
C ASP B 107 -13.19 -12.60 21.57
N ARG B 108 -14.11 -12.78 20.62
CA ARG B 108 -15.00 -13.93 20.57
C ARG B 108 -14.53 -14.98 19.58
N ASN B 109 -13.25 -14.96 19.20
CA ASN B 109 -12.68 -15.94 18.28
C ASN B 109 -13.40 -15.94 16.93
N ASN B 110 -14.00 -14.81 16.56
CA ASN B 110 -14.71 -14.63 15.30
C ASN B 110 -15.83 -15.65 15.11
N TYR B 111 -16.44 -16.10 16.21
CA TYR B 111 -17.53 -17.06 16.15
C TYR B 111 -18.55 -16.72 17.23
N ILE B 112 -19.81 -16.54 16.82
CA ILE B 112 -20.89 -16.17 17.72
C ILE B 112 -21.85 -17.36 17.81
N HIS B 113 -21.66 -18.21 18.83
CA HIS B 113 -22.29 -19.52 18.84
C HIS B 113 -23.82 -19.44 18.83
N ASP B 114 -24.40 -18.61 19.70
CA ASP B 114 -25.85 -18.50 19.75
C ASP B 114 -26.40 -18.01 18.42
N LEU B 115 -25.78 -16.96 17.85
CA LEU B 115 -26.25 -16.42 16.58
C LEU B 115 -26.08 -17.43 15.45
N ASP B 116 -24.94 -18.11 15.40
CA ASP B 116 -24.67 -19.08 14.35
C ASP B 116 -25.67 -20.23 14.40
N MET B 117 -25.89 -20.78 15.60
CA MET B 117 -26.87 -21.84 15.76
C MET B 117 -28.29 -21.34 15.45
N ALA B 118 -28.59 -20.09 15.77
CA ALA B 118 -29.90 -19.54 15.40
C ALA B 118 -30.08 -19.51 13.89
N ALA B 119 -29.06 -19.03 13.18
CA ALA B 119 -29.13 -19.01 11.72
C ALA B 119 -29.32 -20.42 11.15
N GLU B 120 -28.55 -21.39 11.66
CA GLU B 120 -28.66 -22.76 11.15
C GLU B 120 -30.01 -23.38 11.47
N ARG B 121 -30.51 -23.15 12.69
CA ARG B 121 -31.81 -23.69 13.08
C ARG B 121 -32.93 -23.09 12.25
N MET B 122 -32.85 -21.78 11.97
CA MET B 122 -33.88 -21.16 11.13
C MET B 122 -33.80 -21.66 9.70
N PHE B 123 -32.59 -21.82 9.17
CA PHE B 123 -32.42 -22.40 7.84
C PHE B 123 -33.05 -23.78 7.76
N THR B 124 -32.83 -24.61 8.78
CA THR B 124 -33.36 -25.98 8.73
C THR B 124 -34.87 -26.02 8.93
N GLU B 125 -35.37 -25.29 9.94
CA GLU B 125 -36.79 -25.31 10.25
C GLU B 125 -37.63 -24.70 9.13
N SER B 126 -37.07 -23.77 8.37
CA SER B 126 -37.79 -23.14 7.28
C SER B 126 -37.87 -24.02 6.03
N GLY B 127 -37.16 -25.15 6.01
CA GLY B 127 -37.12 -25.97 4.83
C GLY B 127 -36.27 -25.42 3.70
N MET B 128 -35.28 -24.59 4.03
CA MET B 128 -34.39 -24.03 3.02
C MET B 128 -33.50 -25.09 2.37
N ARG B 129 -33.10 -24.78 1.13
CA ARG B 129 -32.11 -25.50 0.33
C ARG B 129 -31.17 -24.59 -0.42
N THR B 130 -29.89 -24.98 -0.36
CA THR B 130 -28.84 -24.29 -1.08
C THR B 130 -29.14 -24.37 -2.56
N GLY B 131 -29.14 -23.21 -3.21
CA GLY B 131 -29.56 -23.11 -4.60
C GLY B 131 -30.83 -22.30 -4.64
N GLY B 132 -30.73 -21.08 -5.16
CA GLY B 132 -31.89 -20.19 -5.19
C GLY B 132 -32.37 -19.74 -3.83
N LEU B 133 -31.43 -19.44 -2.91
CA LEU B 133 -31.81 -18.96 -1.58
C LEU B 133 -32.48 -17.60 -1.60
N ASP B 134 -32.21 -16.77 -2.62
CA ASP B 134 -32.85 -15.46 -2.66
C ASP B 134 -34.36 -15.60 -2.82
N ILE B 135 -34.78 -16.52 -3.68
CA ILE B 135 -36.20 -16.76 -3.90
C ILE B 135 -36.86 -17.33 -2.66
N GLN B 136 -36.20 -18.29 -1.99
CA GLN B 136 -36.78 -18.86 -0.78
C GLN B 136 -36.81 -17.86 0.36
N LEU B 137 -35.80 -17.00 0.45
CA LEU B 137 -35.78 -15.99 1.50
C LEU B 137 -36.89 -14.95 1.31
N ALA B 138 -37.21 -14.60 0.06
CA ALA B 138 -38.32 -13.67 -0.14
C ALA B 138 -39.62 -14.22 0.46
N GLU B 139 -39.92 -15.49 0.18
CA GLU B 139 -41.16 -16.05 0.68
C GLU B 139 -41.08 -16.40 2.16
N LEU B 140 -39.89 -16.65 2.71
CA LEU B 140 -39.83 -16.81 4.17
C LEU B 140 -40.07 -15.48 4.85
N MET B 141 -39.59 -14.38 4.26
CA MET B 141 -39.93 -13.06 4.77
C MET B 141 -41.44 -12.84 4.74
N ARG B 142 -42.08 -13.22 3.63
CA ARG B 142 -43.52 -12.99 3.51
C ARG B 142 -44.30 -13.85 4.50
N ASP B 143 -43.93 -15.13 4.62
CA ASP B 143 -44.71 -16.06 5.43
C ASP B 143 -44.50 -15.83 6.92
N ARG B 144 -43.27 -15.52 7.32
CA ARG B 144 -42.96 -15.44 8.74
C ARG B 144 -43.00 -14.03 9.32
N PHE B 145 -42.70 -12.99 8.53
CA PHE B 145 -42.64 -11.64 9.06
C PHE B 145 -43.56 -10.67 8.35
N GLY B 146 -44.36 -11.12 7.38
CA GLY B 146 -45.21 -10.22 6.65
C GLY B 146 -44.47 -9.17 5.86
N ILE B 147 -43.18 -9.38 5.60
CA ILE B 147 -42.37 -8.44 4.85
C ILE B 147 -42.48 -8.78 3.37
N SER B 148 -42.82 -7.79 2.56
CA SER B 148 -42.92 -7.95 1.11
C SER B 148 -41.60 -7.52 0.49
N VAL B 149 -40.93 -8.45 -0.16
CA VAL B 149 -39.64 -8.17 -0.78
C VAL B 149 -39.90 -7.83 -2.24
N VAL B 150 -39.32 -6.72 -2.70
CA VAL B 150 -39.50 -6.20 -4.04
C VAL B 150 -38.13 -5.96 -4.64
N ILE B 151 -37.95 -6.40 -5.89
CA ILE B 151 -36.74 -6.09 -6.65
C ILE B 151 -36.99 -4.77 -7.35
N ASP B 152 -36.29 -3.72 -6.93
CA ASP B 152 -36.59 -2.37 -7.37
C ASP B 152 -35.44 -1.88 -8.23
N ASP B 153 -35.72 -1.64 -9.50
CA ASP B 153 -34.79 -0.99 -10.40
C ASP B 153 -34.93 0.52 -10.37
N ASN B 154 -35.68 1.04 -9.41
CA ASN B 154 -35.86 2.46 -9.20
C ASN B 154 -35.09 2.96 -7.98
N LEU B 155 -34.49 2.05 -7.21
CA LEU B 155 -33.63 2.47 -6.11
C LEU B 155 -32.49 3.32 -6.67
N PRO B 156 -31.93 4.22 -5.85
CA PRO B 156 -30.72 4.93 -6.27
C PRO B 156 -29.62 3.95 -6.67
N ASP B 157 -28.68 4.47 -7.46
CA ASP B 157 -27.64 3.61 -8.05
C ASP B 157 -26.82 2.92 -6.97
N THR B 158 -26.55 3.61 -5.87
CA THR B 158 -25.65 3.12 -4.84
C THR B 158 -26.35 2.31 -3.75
N ALA B 159 -27.68 2.16 -3.81
CA ALA B 159 -28.42 1.53 -2.74
C ALA B 159 -28.53 0.03 -3.01
N LYS B 160 -28.04 -0.77 -2.06
CA LYS B 160 -28.18 -2.22 -2.18
C LYS B 160 -29.55 -2.66 -1.69
N ARG B 161 -30.07 -2.00 -0.65
CA ARG B 161 -31.41 -2.24 -0.14
C ARG B 161 -31.91 -1.02 0.63
N ARG B 162 -33.23 -1.00 0.82
CA ARG B 162 -33.92 -0.10 1.75
C ARG B 162 -35.19 -0.75 2.28
N TYR B 163 -35.40 -0.63 3.58
CA TYR B 163 -36.47 -1.30 4.30
C TYR B 163 -37.40 -0.24 4.84
N HIS B 164 -38.68 -0.35 4.52
CA HIS B 164 -39.69 0.58 4.99
C HIS B 164 -40.49 -0.17 6.03
N PRO B 165 -40.23 0.05 7.32
CA PRO B 165 -40.89 -0.73 8.37
C PRO B 165 -42.36 -0.40 8.51
N ASP B 166 -42.77 0.79 8.06
CA ASP B 166 -44.16 1.19 8.09
C ASP B 166 -45.02 0.34 7.17
N THR B 167 -44.52 0.04 5.98
CA THR B 167 -45.21 -0.88 5.09
C THR B 167 -44.59 -2.27 5.12
N LYS B 168 -43.50 -2.46 5.86
CA LYS B 168 -42.78 -3.73 5.90
C LYS B 168 -42.40 -4.15 4.48
N VAL B 169 -41.81 -3.23 3.74
CA VAL B 169 -41.43 -3.47 2.36
C VAL B 169 -39.91 -3.40 2.26
N LEU B 170 -39.31 -4.47 1.74
CA LEU B 170 -37.87 -4.54 1.55
C LEU B 170 -37.58 -4.42 0.06
N ARG B 171 -36.92 -3.33 -0.32
CA ARG B 171 -36.52 -3.13 -1.71
C ARG B 171 -35.05 -3.52 -1.86
N VAL B 172 -34.77 -4.32 -2.89
CA VAL B 172 -33.44 -4.86 -3.16
C VAL B 172 -33.03 -4.47 -4.57
N ALA B 173 -31.76 -4.10 -4.72
CA ALA B 173 -31.25 -3.60 -6.00
C ALA B 173 -31.28 -4.69 -7.06
N HIS B 174 -31.72 -4.32 -8.27
CA HIS B 174 -31.82 -5.28 -9.36
C HIS B 174 -30.46 -5.79 -9.82
N TRP B 175 -29.41 -4.99 -9.66
CA TRP B 175 -28.09 -5.37 -10.15
C TRP B 175 -27.35 -6.33 -9.22
N LEU B 176 -27.89 -6.61 -8.04
CA LEU B 176 -27.31 -7.65 -7.20
C LEU B 176 -27.56 -9.02 -7.80
N MET B 177 -26.49 -9.82 -7.88
CA MET B 177 -26.60 -11.23 -8.21
C MET B 177 -27.41 -11.96 -7.12
N PRO B 178 -27.93 -13.15 -7.44
CA PRO B 178 -28.80 -13.86 -6.47
C PRO B 178 -28.21 -14.03 -5.08
N GLY B 179 -26.94 -14.42 -4.97
CA GLY B 179 -26.34 -14.59 -3.66
C GLY B 179 -26.26 -13.31 -2.87
N GLN B 180 -26.00 -12.19 -3.55
CA GLN B 180 -25.98 -10.90 -2.87
C GLN B 180 -27.38 -10.45 -2.46
N ARG B 181 -28.38 -10.70 -3.32
CA ARG B 181 -29.76 -10.44 -2.93
C ARG B 181 -30.12 -11.22 -1.67
N ALA B 182 -29.72 -12.50 -1.63
CA ALA B 182 -29.99 -13.33 -0.46
C ALA B 182 -29.28 -12.79 0.76
N PHE B 183 -28.05 -12.30 0.59
CA PHE B 183 -27.33 -11.68 1.70
C PHE B 183 -28.09 -10.47 2.24
N GLN B 184 -28.54 -9.58 1.35
CA GLN B 184 -29.29 -8.41 1.78
C GLN B 184 -30.55 -8.81 2.56
N ILE B 185 -31.30 -9.76 2.02
CA ILE B 185 -32.54 -10.17 2.67
C ILE B 185 -32.25 -10.82 4.02
N ALA B 186 -31.19 -11.63 4.11
CA ALA B 186 -30.85 -12.27 5.38
C ALA B 186 -30.33 -11.25 6.40
N THR B 187 -29.65 -10.21 5.93
CA THR B 187 -29.25 -9.12 6.82
C THR B 187 -30.48 -8.46 7.43
N GLN B 188 -31.44 -8.09 6.59
CA GLN B 188 -32.68 -7.52 7.10
C GLN B 188 -33.41 -8.50 8.01
N LEU B 189 -33.34 -9.80 7.66
CA LEU B 189 -33.97 -10.84 8.47
C LEU B 189 -33.36 -10.90 9.86
N ALA B 190 -32.04 -10.74 9.96
CA ALA B 190 -31.41 -10.67 11.27
C ALA B 190 -31.87 -9.43 12.03
N LEU B 191 -31.96 -8.30 11.35
CA LEU B 191 -32.29 -7.06 12.05
C LEU B 191 -33.74 -7.02 12.53
N VAL B 192 -34.66 -7.69 11.83
CA VAL B 192 -36.05 -7.66 12.26
C VAL B 192 -36.48 -8.91 13.04
N GLY B 193 -35.82 -10.05 12.84
CA GLY B 193 -36.30 -11.31 13.40
C GLY B 193 -35.41 -11.86 14.49
N GLN B 194 -34.18 -11.35 14.59
CA GLN B 194 -33.24 -11.74 15.63
C GLN B 194 -32.75 -10.51 16.39
N SER B 195 -33.60 -9.50 16.50
CA SER B 195 -33.20 -8.23 17.09
C SER B 195 -32.82 -8.38 18.56
N ASP B 196 -33.61 -9.14 19.31
CA ASP B 196 -33.38 -9.24 20.75
C ASP B 196 -32.13 -10.06 21.08
N LEU B 197 -31.87 -11.14 20.32
CA LEU B 197 -30.67 -11.91 20.61
C LEU B 197 -29.41 -11.16 20.21
N ILE B 198 -29.48 -10.39 19.13
CA ILE B 198 -28.36 -9.52 18.78
C ILE B 198 -28.13 -8.47 19.86
N SER B 199 -29.21 -7.88 20.38
CA SER B 199 -29.04 -6.93 21.48
C SER B 199 -28.41 -7.59 22.69
N SER B 200 -28.80 -8.84 22.96
CA SER B 200 -28.27 -9.56 24.11
C SER B 200 -26.80 -9.92 23.91
N ILE B 201 -26.41 -10.27 22.68
CA ILE B 201 -25.00 -10.54 22.39
C ILE B 201 -24.17 -9.28 22.54
N VAL B 202 -24.68 -8.15 22.03
CA VAL B 202 -23.99 -6.88 22.19
C VAL B 202 -23.80 -6.55 23.66
N ALA B 203 -24.80 -6.84 24.48
CA ALA B 203 -24.75 -6.51 25.90
C ALA B 203 -23.57 -7.16 26.62
N THR B 204 -23.03 -8.25 26.10
CA THR B 204 -21.91 -8.95 26.73
C THR B 204 -20.58 -8.19 26.67
N ASP B 205 -20.51 -7.03 26.03
CA ASP B 205 -19.31 -6.19 26.03
C ASP B 205 -19.73 -4.82 26.55
N ASP B 206 -19.56 -4.63 27.87
CA ASP B 206 -20.02 -3.40 28.52
C ASP B 206 -19.21 -2.18 28.13
N GLN B 207 -17.97 -2.37 27.65
CA GLN B 207 -17.10 -1.25 27.32
C GLN B 207 -17.38 -0.68 25.94
N LEU B 208 -18.30 -1.25 25.18
CA LEU B 208 -18.57 -0.76 23.84
C LEU B 208 -19.20 0.63 23.90
N SER B 209 -18.67 1.55 23.10
CA SER B 209 -19.24 2.89 23.06
C SER B 209 -20.63 2.82 22.45
N THR B 210 -21.37 3.93 22.57
CA THR B 210 -22.74 3.96 22.06
C THR B 210 -22.79 3.73 20.56
N GLU B 211 -21.84 4.30 19.82
CA GLU B 211 -21.80 4.10 18.37
C GLU B 211 -21.27 2.72 18.01
N ALA B 212 -20.33 2.21 18.80
CA ALA B 212 -19.83 0.86 18.59
C ALA B 212 -20.94 -0.17 18.73
N ARG B 213 -21.97 0.12 19.52
CA ARG B 213 -23.07 -0.82 19.66
C ARG B 213 -23.90 -0.92 18.39
N GLY B 214 -24.16 0.21 17.72
CA GLY B 214 -24.85 0.15 16.45
C GLY B 214 -24.00 -0.51 15.36
N VAL B 215 -22.70 -0.19 15.35
CA VAL B 215 -21.82 -0.83 14.37
C VAL B 215 -21.76 -2.34 14.63
N ALA B 216 -21.76 -2.74 15.90
CA ALA B 216 -21.78 -4.16 16.25
C ALA B 216 -23.11 -4.81 15.88
N ARG B 217 -24.23 -4.09 16.02
CA ARG B 217 -25.50 -4.63 15.56
C ARG B 217 -25.46 -4.94 14.08
N ILE B 218 -24.86 -4.04 13.28
CA ILE B 218 -24.81 -4.28 11.84
C ILE B 218 -23.81 -5.38 11.52
N GLY B 219 -22.69 -5.44 12.24
CA GLY B 219 -21.74 -6.53 12.07
C GLY B 219 -22.36 -7.88 12.40
N LEU B 220 -23.18 -7.93 13.44
CA LEU B 220 -23.81 -9.19 13.85
C LEU B 220 -24.91 -9.59 12.89
N ALA B 221 -25.61 -8.61 12.31
CA ALA B 221 -26.57 -8.92 11.26
C ALA B 221 -25.87 -9.50 10.03
N ASN B 222 -24.72 -8.91 9.66
CA ASN B 222 -23.91 -9.50 8.59
C ASN B 222 -23.45 -10.90 8.93
N TYR B 223 -23.02 -11.12 10.18
CA TYR B 223 -22.62 -12.46 10.61
C TYR B 223 -23.77 -13.45 10.48
N PHE B 224 -24.98 -13.03 10.88
CA PHE B 224 -26.14 -13.91 10.75
C PHE B 224 -26.41 -14.22 9.29
N ALA B 225 -26.35 -13.21 8.43
CA ALA B 225 -26.59 -13.44 7.01
C ALA B 225 -25.58 -14.43 6.43
N GLY B 226 -24.31 -14.30 6.83
CA GLY B 226 -23.31 -15.26 6.41
C GLY B 226 -23.58 -16.66 6.91
N ALA B 227 -24.01 -16.78 8.18
CA ALA B 227 -24.26 -18.10 8.76
C ALA B 227 -25.56 -18.71 8.25
N PHE B 228 -26.44 -17.90 7.68
CA PHE B 228 -27.69 -18.38 7.09
C PHE B 228 -27.48 -18.83 5.64
N LEU B 229 -26.81 -17.99 4.85
CA LEU B 229 -26.50 -18.39 3.46
C LEU B 229 -25.59 -19.60 3.45
N LEU B 230 -24.69 -19.70 4.42
CA LEU B 230 -23.69 -20.76 4.50
C LEU B 230 -23.89 -21.52 5.81
N PRO B 231 -24.94 -22.35 5.88
CA PRO B 231 -25.22 -23.09 7.13
C PRO B 231 -24.00 -23.84 7.61
N TYR B 232 -23.73 -23.74 8.93
CA TYR B 232 -22.44 -24.13 9.48
C TYR B 232 -22.05 -25.55 9.10
N ARG B 233 -22.84 -26.55 9.50
CA ARG B 233 -22.40 -27.93 9.31
C ARG B 233 -22.27 -28.27 7.84
N GLU B 234 -23.22 -27.82 7.02
CA GLU B 234 -23.17 -28.13 5.59
C GLU B 234 -21.97 -27.44 4.94
N PHE B 235 -21.73 -26.17 5.30
CA PHE B 235 -20.61 -25.44 4.73
C PHE B 235 -19.27 -26.03 5.18
N HIS B 236 -19.17 -26.39 6.45
CA HIS B 236 -17.95 -27.01 6.97
C HIS B 236 -17.65 -28.33 6.24
N ARG B 237 -18.68 -29.16 6.03
CA ARG B 237 -18.44 -30.43 5.35
C ARG B 237 -18.06 -30.21 3.90
N ALA B 238 -18.61 -29.16 3.28
CA ALA B 238 -18.24 -28.86 1.90
C ALA B 238 -16.83 -28.29 1.81
N ALA B 239 -16.43 -27.46 2.78
CA ALA B 239 -15.07 -26.93 2.80
C ALA B 239 -14.04 -28.05 2.97
N GLU B 240 -14.36 -29.04 3.79
CA GLU B 240 -13.42 -30.16 3.94
C GLU B 240 -13.41 -31.05 2.70
N GLN B 241 -14.58 -31.33 2.12
CA GLN B 241 -14.62 -32.14 0.90
C GLN B 241 -13.88 -31.47 -0.25
N LEU B 242 -14.00 -30.15 -0.38
CA LEU B 242 -13.39 -29.41 -1.47
C LEU B 242 -11.96 -28.97 -1.17
N ARG B 243 -11.43 -29.35 0.00
CA ARG B 243 -10.08 -28.96 0.42
C ARG B 243 -9.91 -27.45 0.36
N TYR B 244 -10.96 -26.74 0.79
CA TYR B 244 -10.94 -25.29 0.99
C TYR B 244 -10.78 -24.50 -0.30
N ASP B 245 -11.21 -25.06 -1.44
CA ASP B 245 -11.18 -24.34 -2.70
C ASP B 245 -12.27 -23.27 -2.67
N ILE B 246 -11.84 -22.00 -2.55
CA ILE B 246 -12.78 -20.92 -2.29
C ILE B 246 -13.71 -20.69 -3.48
N ASP B 247 -13.18 -20.76 -4.70
CA ASP B 247 -14.03 -20.62 -5.88
C ASP B 247 -15.05 -21.75 -5.97
N LEU B 248 -14.64 -22.98 -5.68
CA LEU B 248 -15.58 -24.09 -5.74
C LEU B 248 -16.66 -23.97 -4.67
N LEU B 249 -16.30 -23.47 -3.49
CA LEU B 249 -17.30 -23.23 -2.45
C LEU B 249 -18.29 -22.14 -2.89
N GLY B 250 -17.77 -21.05 -3.45
CA GLY B 250 -18.66 -20.02 -3.96
C GLY B 250 -19.59 -20.52 -5.04
N ARG B 251 -19.09 -21.38 -5.93
CA ARG B 251 -19.92 -21.96 -6.97
C ARG B 251 -21.01 -22.85 -6.39
N ARG B 252 -20.66 -23.68 -5.41
CA ARG B 252 -21.65 -24.58 -4.83
C ARG B 252 -22.73 -23.81 -4.09
N PHE B 253 -22.34 -22.75 -3.37
CA PHE B 253 -23.28 -21.99 -2.56
C PHE B 253 -23.78 -20.71 -3.22
N GLY B 254 -23.31 -20.38 -4.42
CA GLY B 254 -23.83 -19.21 -5.12
C GLY B 254 -23.45 -17.90 -4.47
N VAL B 255 -22.24 -17.79 -3.95
CA VAL B 255 -21.73 -16.58 -3.30
C VAL B 255 -20.36 -16.24 -3.86
N GLY B 256 -19.91 -15.02 -3.56
CA GLY B 256 -18.63 -14.55 -4.03
C GLY B 256 -17.46 -14.96 -3.15
N PHE B 257 -16.28 -14.51 -3.57
CA PHE B 257 -15.01 -14.90 -2.95
C PHE B 257 -14.91 -14.36 -1.53
N GLU B 258 -15.21 -13.07 -1.36
CA GLU B 258 -15.08 -12.43 -0.05
C GLU B 258 -16.03 -13.06 0.96
N THR B 259 -17.25 -13.40 0.53
CA THR B 259 -18.23 -13.99 1.42
C THR B 259 -17.78 -15.36 1.91
N VAL B 260 -17.25 -16.18 1.01
CA VAL B 260 -16.71 -17.49 1.39
C VAL B 260 -15.56 -17.32 2.37
N CYS B 261 -14.64 -16.39 2.10
CA CYS B 261 -13.50 -16.22 3.02
C CYS B 261 -13.97 -15.76 4.39
N HIS B 262 -14.93 -14.83 4.42
CA HIS B 262 -15.59 -14.42 5.66
C HIS B 262 -16.03 -15.64 6.45
N ARG B 263 -16.86 -16.49 5.83
CA ARG B 263 -17.42 -17.62 6.55
C ARG B 263 -16.33 -18.60 6.96
N LEU B 264 -15.30 -18.78 6.14
CA LEU B 264 -14.22 -19.71 6.47
C LEU B 264 -13.50 -19.26 7.73
N SER B 265 -13.36 -17.95 7.93
CA SER B 265 -12.68 -17.48 9.14
C SER B 265 -13.54 -17.56 10.40
N THR B 266 -14.76 -18.11 10.33
CA THR B 266 -15.65 -18.18 11.49
C THR B 266 -15.90 -19.59 12.00
N LEU B 267 -15.24 -20.60 11.45
CA LEU B 267 -15.63 -21.99 11.74
C LEU B 267 -14.89 -22.47 12.99
N GLN B 268 -15.34 -21.92 14.13
CA GLN B 268 -14.77 -22.21 15.43
C GLN B 268 -15.79 -22.85 16.37
N ARG B 269 -16.79 -23.53 15.83
CA ARG B 269 -17.74 -24.23 16.69
C ARG B 269 -17.04 -25.41 17.35
N PRO B 270 -17.10 -25.53 18.67
CA PRO B 270 -16.47 -26.68 19.33
C PRO B 270 -16.97 -27.99 18.75
N ARG B 271 -16.03 -28.93 18.57
CA ARG B 271 -16.19 -30.27 18.02
C ARG B 271 -16.33 -30.27 16.50
N GLN B 272 -16.44 -29.12 15.85
CA GLN B 272 -16.50 -29.04 14.38
C GLN B 272 -15.70 -27.82 13.90
N ARG B 273 -14.42 -27.80 14.24
CA ARG B 273 -13.53 -26.72 13.85
C ARG B 273 -13.07 -26.86 12.41
N GLY B 274 -13.05 -25.74 11.68
CA GLY B 274 -12.27 -25.65 10.46
C GLY B 274 -10.85 -25.18 10.77
N ILE B 275 -10.04 -25.07 9.73
CA ILE B 275 -8.72 -24.45 9.83
C ILE B 275 -8.86 -23.08 10.47
N PRO B 276 -8.06 -22.74 11.48
CA PRO B 276 -8.11 -21.38 12.06
C PRO B 276 -7.41 -20.38 11.14
N PHE B 277 -8.17 -19.40 10.68
CA PHE B 277 -7.73 -18.44 9.67
C PHE B 277 -7.70 -17.03 10.25
N ILE B 278 -6.84 -16.19 9.67
CA ILE B 278 -6.97 -14.75 9.77
C ILE B 278 -7.38 -14.24 8.40
N PHE B 279 -8.39 -13.37 8.37
CA PHE B 279 -8.96 -12.81 7.16
C PHE B 279 -8.66 -11.32 7.14
N VAL B 280 -8.17 -10.83 6.00
CA VAL B 280 -7.86 -9.41 5.84
C VAL B 280 -8.42 -8.91 4.52
N ARG B 281 -8.75 -7.63 4.48
CA ARG B 281 -9.10 -6.95 3.24
C ARG B 281 -8.26 -5.68 3.12
N THR B 282 -7.55 -5.57 1.99
CA THR B 282 -6.65 -4.46 1.74
C THR B 282 -7.02 -3.75 0.44
N ASP B 283 -6.47 -2.56 0.24
CA ASP B 283 -6.53 -1.87 -1.05
C ASP B 283 -5.12 -1.64 -1.61
N LYS B 284 -5.08 -0.92 -2.74
CA LYS B 284 -3.83 -0.67 -3.45
C LYS B 284 -2.85 0.18 -2.64
N ALA B 285 -3.33 0.94 -1.67
CA ALA B 285 -2.46 1.78 -0.85
C ALA B 285 -2.05 1.10 0.44
N GLY B 286 -2.41 -0.17 0.63
CA GLY B 286 -2.06 -0.89 1.84
C GLY B 286 -3.03 -0.72 2.99
N ASN B 287 -4.09 0.07 2.83
CA ASN B 287 -5.08 0.21 3.89
C ASN B 287 -5.79 -1.12 4.10
N ILE B 288 -5.71 -1.63 5.33
CA ILE B 288 -6.38 -2.87 5.72
C ILE B 288 -7.69 -2.49 6.38
N SER B 289 -8.80 -2.72 5.67
CA SER B 289 -10.11 -2.28 6.14
C SER B 289 -10.90 -3.39 6.82
N LYS B 290 -10.44 -4.64 6.77
CA LYS B 290 -11.08 -5.72 7.52
C LYS B 290 -10.02 -6.64 8.09
N ARG B 291 -10.17 -6.96 9.38
CA ARG B 291 -9.38 -7.99 10.06
C ARG B 291 -10.32 -8.84 10.89
N GLN B 292 -10.33 -10.14 10.66
CA GLN B 292 -11.10 -11.10 11.46
C GLN B 292 -10.21 -12.28 11.78
N SER B 293 -10.26 -12.77 13.01
CA SER B 293 -9.30 -13.80 13.38
C SER B 293 -9.94 -14.90 14.22
N ALA B 294 -9.61 -16.14 13.87
CA ALA B 294 -10.00 -17.29 14.67
C ALA B 294 -9.22 -17.35 15.97
N THR B 295 -7.95 -16.93 15.94
CA THR B 295 -7.08 -16.95 17.11
C THR B 295 -6.07 -15.81 16.96
N ALA B 296 -5.07 -15.81 17.83
CA ALA B 296 -4.08 -14.75 17.81
C ALA B 296 -3.17 -14.89 16.59
N PHE B 297 -3.13 -13.85 15.76
CA PHE B 297 -2.21 -13.75 14.64
C PHE B 297 -1.52 -12.41 14.70
N HIS B 298 -0.45 -12.27 13.92
CA HIS B 298 0.34 -11.05 13.95
C HIS B 298 -0.45 -9.85 13.47
N PHE B 299 -1.30 -10.04 12.45
CA PHE B 299 -2.07 -8.95 11.86
C PHE B 299 -3.52 -8.94 12.33
N SER B 300 -3.80 -9.56 13.48
CA SER B 300 -5.18 -9.62 13.97
C SER B 300 -5.72 -8.22 14.27
N ARG B 301 -4.87 -7.33 14.77
CA ARG B 301 -5.32 -6.01 15.20
C ARG B 301 -4.58 -4.86 14.52
N VAL B 302 -3.25 -4.89 14.48
CA VAL B 302 -2.46 -3.85 13.81
C VAL B 302 -1.36 -4.52 12.98
N GLY B 303 -0.63 -3.68 12.23
CA GLY B 303 0.44 -4.13 11.37
C GLY B 303 -0.06 -4.74 10.08
N GLY B 304 0.90 -5.07 9.21
CA GLY B 304 0.59 -5.69 7.94
C GLY B 304 1.06 -4.87 6.76
N SER B 305 1.92 -3.89 7.01
CA SER B 305 2.43 -2.99 5.97
C SER B 305 3.79 -3.43 5.47
N CYS B 306 4.02 -4.74 5.33
CA CYS B 306 5.26 -5.23 4.76
C CYS B 306 5.07 -5.47 3.27
N PRO B 307 5.86 -4.83 2.40
CA PRO B 307 5.63 -4.96 0.95
C PRO B 307 6.03 -6.33 0.39
N LEU B 308 6.69 -7.18 1.16
CA LEU B 308 7.00 -8.52 0.69
C LEU B 308 5.90 -9.53 1.03
N TRP B 309 4.92 -9.10 1.83
CA TRP B 309 3.76 -9.91 2.11
C TRP B 309 2.91 -10.03 0.84
N VAL B 310 2.49 -11.27 0.53
CA VAL B 310 1.90 -11.56 -0.78
C VAL B 310 0.56 -10.88 -0.98
N VAL B 311 -0.12 -10.49 0.09
CA VAL B 311 -1.43 -9.87 -0.03
C VAL B 311 -1.34 -8.54 -0.80
N HIS B 312 -0.28 -7.77 -0.55
CA HIS B 312 -0.08 -6.52 -1.29
C HIS B 312 0.32 -6.77 -2.74
N ASP B 313 0.78 -7.97 -3.08
CA ASP B 313 1.12 -8.32 -4.46
C ASP B 313 -0.08 -8.74 -5.28
N ALA B 314 -1.26 -8.85 -4.65
CA ALA B 314 -2.46 -9.29 -5.34
C ALA B 314 -2.88 -8.35 -6.47
N PHE B 315 -2.69 -7.04 -6.30
CA PHE B 315 -3.07 -6.09 -7.34
C PHE B 315 -2.16 -6.14 -8.56
N ALA B 316 -0.93 -6.65 -8.41
CA ALA B 316 -0.07 -6.84 -9.57
C ALA B 316 -0.57 -7.97 -10.47
N GLN B 317 -1.28 -8.94 -9.88
CA GLN B 317 -1.83 -10.08 -10.62
C GLN B 317 -3.33 -10.14 -10.38
N PRO B 318 -4.09 -9.23 -11.02
CA PRO B 318 -5.52 -9.08 -10.66
C PRO B 318 -6.36 -10.29 -10.99
N GLU B 319 -7.36 -10.55 -10.15
CA GLU B 319 -8.26 -11.71 -10.27
C GLU B 319 -7.48 -13.01 -10.49
N ARG B 320 -6.29 -13.10 -9.90
CA ARG B 320 -5.55 -14.35 -9.84
C ARG B 320 -5.17 -14.64 -8.40
N ILE B 321 -5.38 -15.87 -7.96
CA ILE B 321 -5.01 -16.24 -6.61
C ILE B 321 -3.49 -16.28 -6.49
N VAL B 322 -2.97 -15.54 -5.51
CA VAL B 322 -1.55 -15.58 -5.18
C VAL B 322 -1.39 -16.31 -3.86
N ARG B 323 -0.21 -16.90 -3.67
CA ARG B 323 0.05 -17.73 -2.50
C ARG B 323 1.48 -17.50 -2.03
N GLN B 324 1.70 -17.73 -0.74
CA GLN B 324 3.02 -17.52 -0.18
C GLN B 324 3.19 -18.31 1.12
N VAL B 325 4.39 -18.86 1.30
CA VAL B 325 4.85 -19.35 2.59
C VAL B 325 5.70 -18.25 3.22
N ALA B 326 5.17 -17.60 4.25
CA ALA B 326 5.81 -16.47 4.89
C ALA B 326 6.34 -16.87 6.25
N GLN B 327 7.46 -16.28 6.64
CA GLN B 327 8.01 -16.46 7.98
C GLN B 327 8.12 -15.10 8.66
N MET B 328 7.48 -14.96 9.81
CA MET B 328 7.57 -13.73 10.58
C MET B 328 8.93 -13.66 11.28
N PRO B 329 9.35 -12.46 11.69
CA PRO B 329 10.67 -12.33 12.32
C PRO B 329 10.87 -13.19 13.57
N ASP B 330 9.80 -13.65 14.21
CA ASP B 330 9.93 -14.49 15.40
C ASP B 330 10.01 -15.97 15.07
N GLY B 331 10.12 -16.33 13.79
CA GLY B 331 10.29 -17.71 13.37
C GLY B 331 9.02 -18.44 12.99
N ARG B 332 7.85 -17.91 13.36
CA ARG B 332 6.60 -18.59 13.08
C ARG B 332 6.22 -18.44 11.61
N SER B 333 5.76 -19.53 11.01
CA SER B 333 5.52 -19.61 9.58
C SER B 333 4.04 -19.76 9.27
N TYR B 334 3.63 -19.16 8.16
CA TYR B 334 2.23 -19.04 7.78
C TYR B 334 2.08 -19.26 6.27
N PHE B 335 0.91 -19.76 5.89
CA PHE B 335 0.51 -19.87 4.49
C PHE B 335 -0.57 -18.83 4.21
N TRP B 336 -0.37 -18.07 3.13
CA TRP B 336 -1.23 -16.96 2.75
C TRP B 336 -1.76 -17.17 1.34
N VAL B 337 -3.07 -17.00 1.17
CA VAL B 337 -3.71 -16.99 -0.14
C VAL B 337 -4.43 -15.65 -0.28
N ALA B 338 -4.40 -15.07 -1.48
CA ALA B 338 -5.04 -13.77 -1.66
C ALA B 338 -5.55 -13.62 -3.09
N LYS B 339 -6.54 -12.74 -3.24
CA LYS B 339 -7.05 -12.43 -4.58
C LYS B 339 -7.78 -11.10 -4.55
N THR B 340 -7.68 -10.37 -5.67
CA THR B 340 -8.45 -9.14 -5.81
C THR B 340 -9.92 -9.45 -6.08
N THR B 341 -10.79 -8.65 -5.47
CA THR B 341 -12.21 -8.58 -5.79
C THR B 341 -12.48 -7.22 -6.40
N ALA B 342 -13.01 -7.24 -7.61
CA ALA B 342 -13.36 -6.03 -8.37
C ALA B 342 -14.79 -6.24 -8.83
N ALA B 343 -15.75 -5.74 -8.04
CA ALA B 343 -17.16 -5.80 -8.37
C ALA B 343 -17.61 -4.38 -8.65
N ASP B 344 -17.73 -4.03 -9.92
CA ASP B 344 -18.20 -2.71 -10.29
C ASP B 344 -19.21 -2.73 -11.41
N GLY B 345 -18.84 -2.12 -12.54
CA GLY B 345 -19.83 -1.84 -13.55
C GLY B 345 -20.66 -0.66 -13.12
N LEU B 346 -20.01 0.37 -12.59
CA LEU B 346 -20.60 1.67 -12.31
C LEU B 346 -20.26 2.67 -13.39
N GLY B 347 -19.81 2.17 -14.53
CA GLY B 347 -19.41 2.99 -15.66
C GLY B 347 -17.91 3.21 -15.70
N TYR B 348 -17.43 3.47 -16.92
CA TYR B 348 -16.02 3.74 -17.12
C TYR B 348 -15.58 4.96 -16.32
N LEU B 349 -16.43 5.97 -16.21
CA LEU B 349 -16.13 7.18 -15.46
C LEU B 349 -16.45 7.07 -13.98
N GLY B 350 -17.35 6.17 -13.60
CA GLY B 350 -17.85 6.09 -12.24
C GLY B 350 -16.77 5.85 -11.21
N PRO B 351 -17.14 5.87 -9.92
CA PRO B 351 -16.18 5.52 -8.87
C PRO B 351 -15.99 4.02 -8.81
N HIS B 352 -14.74 3.60 -8.65
CA HIS B 352 -14.42 2.18 -8.72
C HIS B 352 -14.03 1.62 -7.36
N LYS B 353 -14.36 0.34 -7.18
CA LYS B 353 -14.06 -0.42 -5.97
C LYS B 353 -13.05 -1.50 -6.28
N ASN B 354 -11.90 -1.47 -5.62
CA ASN B 354 -10.86 -2.46 -5.80
C ASN B 354 -10.38 -2.91 -4.43
N PHE B 355 -10.55 -4.20 -4.12
CA PHE B 355 -10.04 -4.71 -2.86
C PHE B 355 -9.30 -6.01 -3.14
N ALA B 356 -8.45 -6.40 -2.20
CA ALA B 356 -7.86 -7.73 -2.18
C ALA B 356 -8.21 -8.38 -0.85
N VAL B 357 -8.55 -9.66 -0.90
CA VAL B 357 -8.90 -10.44 0.28
C VAL B 357 -7.83 -11.49 0.49
N GLY B 358 -7.36 -11.60 1.72
CA GLY B 358 -6.32 -12.55 2.09
C GLY B 358 -6.76 -13.44 3.22
N LEU B 359 -6.40 -14.72 3.12
CA LEU B 359 -6.66 -15.74 4.12
C LEU B 359 -5.32 -16.34 4.52
N GLY B 360 -5.03 -16.30 5.82
CA GLY B 360 -3.77 -16.82 6.33
C GLY B 360 -4.02 -17.88 7.39
N CYS B 361 -3.09 -18.84 7.47
CA CYS B 361 -3.17 -19.87 8.50
C CYS B 361 -1.77 -20.32 8.85
N ASP B 362 -1.67 -21.09 9.92
CA ASP B 362 -0.40 -21.71 10.27
C ASP B 362 0.08 -22.61 9.13
N LEU B 363 1.40 -22.64 8.94
CA LEU B 363 1.98 -23.50 7.91
C LEU B 363 1.57 -24.96 8.09
N ALA B 364 1.39 -25.39 9.35
CA ALA B 364 1.05 -26.78 9.63
C ALA B 364 -0.29 -27.20 9.03
N HIS B 365 -1.17 -26.25 8.72
CA HIS B 365 -2.44 -26.56 8.10
C HIS B 365 -2.40 -26.49 6.58
N ALA B 366 -1.34 -25.93 6.01
CA ALA B 366 -1.32 -25.65 4.58
C ALA B 366 -1.59 -26.89 3.74
N HIS B 367 -1.20 -28.07 4.24
CA HIS B 367 -1.31 -29.28 3.45
C HIS B 367 -2.76 -29.71 3.21
N LYS B 368 -3.74 -29.19 3.96
CA LYS B 368 -5.11 -29.53 3.63
C LYS B 368 -5.75 -28.55 2.65
N LEU B 369 -5.02 -27.54 2.21
CA LEU B 369 -5.53 -26.58 1.23
C LEU B 369 -5.20 -27.05 -0.17
N VAL B 370 -6.15 -26.86 -1.08
CA VAL B 370 -5.88 -27.10 -2.50
C VAL B 370 -4.78 -26.18 -2.99
N TYR B 371 -4.66 -24.99 -2.40
CA TYR B 371 -3.67 -23.99 -2.78
C TYR B 371 -2.24 -24.43 -2.45
N SER B 372 -2.08 -25.50 -1.67
CA SER B 372 -0.78 -26.07 -1.40
C SER B 372 -0.34 -27.06 -2.46
N THR B 373 -1.17 -27.34 -3.46
CA THR B 373 -0.76 -28.24 -4.52
C THR B 373 0.46 -27.70 -5.24
N GLY B 374 1.48 -28.56 -5.39
CA GLY B 374 2.70 -28.20 -6.07
C GLY B 374 3.75 -27.45 -5.28
N VAL B 375 3.47 -27.03 -4.04
CA VAL B 375 4.45 -26.26 -3.25
C VAL B 375 5.03 -27.16 -2.17
N VAL B 376 6.34 -27.03 -1.97
CA VAL B 376 7.05 -27.72 -0.91
C VAL B 376 6.82 -26.97 0.40
N LEU B 377 6.35 -27.68 1.43
CA LEU B 377 6.02 -27.05 2.70
C LEU B 377 6.93 -27.46 3.84
N ASP B 378 7.87 -28.38 3.63
CA ASP B 378 8.74 -28.86 4.69
C ASP B 378 10.19 -28.42 4.53
N ASP B 379 10.41 -27.17 4.09
CA ASP B 379 11.74 -26.65 3.82
C ASP B 379 11.81 -25.19 4.25
N PRO B 380 12.25 -24.92 5.48
CA PRO B 380 12.26 -23.53 5.99
C PRO B 380 13.18 -22.57 5.25
N SER B 381 14.06 -23.07 4.38
CA SER B 381 14.90 -22.15 3.59
C SER B 381 14.13 -21.53 2.43
N THR B 382 13.08 -22.19 1.94
CA THR B 382 12.27 -21.67 0.86
C THR B 382 11.17 -20.71 1.33
N GLU B 383 11.04 -20.50 2.64
CA GLU B 383 10.04 -19.57 3.15
C GLU B 383 10.50 -18.14 2.92
N VAL B 384 9.55 -17.27 2.61
CA VAL B 384 9.87 -15.87 2.34
C VAL B 384 9.89 -15.11 3.67
N PRO B 385 10.95 -14.33 3.96
CA PRO B 385 10.98 -13.59 5.23
C PRO B 385 10.27 -12.24 5.11
N ILE B 386 9.16 -12.10 5.83
CA ILE B 386 8.38 -10.86 5.79
C ILE B 386 8.29 -10.28 7.20
N GLY B 387 7.71 -9.09 7.32
CA GLY B 387 7.53 -8.47 8.61
C GLY B 387 6.13 -7.93 8.82
N ALA B 388 5.96 -7.10 9.85
CA ALA B 388 4.68 -6.48 10.15
C ALA B 388 4.64 -5.00 9.76
N GLY B 389 5.72 -4.48 9.19
CA GLY B 389 5.88 -3.07 8.98
C GLY B 389 7.27 -2.65 9.39
N CYS B 390 7.91 -1.80 8.58
CA CYS B 390 9.35 -1.61 8.69
C CYS B 390 9.74 -0.98 10.02
N LYS B 391 8.91 -0.08 10.56
CA LYS B 391 9.26 0.56 11.83
C LYS B 391 9.15 -0.38 13.01
N ILE B 392 8.44 -1.50 12.86
CA ILE B 392 8.31 -2.49 13.93
C ILE B 392 8.95 -3.82 13.53
N CYS B 393 9.85 -3.81 12.56
CA CYS B 393 10.51 -5.01 12.04
C CYS B 393 12.00 -4.95 12.35
N ASN B 394 12.53 -5.99 13.00
CA ASN B 394 13.92 -6.01 13.45
C ASN B 394 14.88 -6.76 12.53
N ARG B 395 14.45 -7.14 11.33
CA ARG B 395 15.33 -7.86 10.41
C ARG B 395 16.56 -7.04 10.06
N THR B 396 17.69 -7.71 9.89
CA THR B 396 18.98 -7.03 9.80
C THR B 396 19.41 -6.73 8.37
N SER B 397 18.98 -7.51 7.39
CA SER B 397 19.52 -7.41 6.03
C SER B 397 18.42 -7.34 4.99
N CYS B 398 17.37 -6.56 5.24
CA CYS B 398 16.28 -6.44 4.28
C CYS B 398 16.59 -5.34 3.28
N ALA B 399 16.72 -5.73 2.00
CA ALA B 399 16.94 -4.76 0.93
C ALA B 399 15.69 -3.95 0.60
N GLN B 400 14.51 -4.45 0.98
CA GLN B 400 13.24 -3.77 0.71
C GLN B 400 12.91 -2.72 1.78
N ARG B 401 13.64 -2.70 2.89
CA ARG B 401 13.29 -1.89 4.05
C ARG B 401 13.01 -0.45 3.67
N ALA B 402 11.89 0.09 4.19
CA ALA B 402 11.46 1.45 3.91
C ALA B 402 11.82 2.44 5.00
N PHE B 403 11.81 2.02 6.26
CA PHE B 403 12.07 2.90 7.40
C PHE B 403 13.03 2.21 8.36
N PRO B 404 13.75 2.98 9.15
CA PRO B 404 14.59 2.37 10.18
C PRO B 404 13.75 1.74 11.28
N TYR B 405 14.21 0.60 11.79
CA TYR B 405 13.54 -0.06 12.89
C TYR B 405 13.67 0.78 14.15
N LEU B 406 12.56 0.94 14.87
CA LEU B 406 12.52 1.89 15.98
C LEU B 406 13.33 1.42 17.18
N GLY B 407 13.47 0.10 17.37
CA GLY B 407 14.34 -0.40 18.43
C GLY B 407 15.81 -0.20 18.14
N GLY B 408 16.23 -0.33 16.89
CA GLY B 408 17.61 -0.13 16.50
C GLY B 408 18.02 1.33 16.60
N ARG B 409 19.20 1.61 16.03
CA ARG B 409 19.89 2.90 15.97
C ARG B 409 20.47 3.01 14.57
N VAL B 410 20.69 4.24 14.12
CA VAL B 410 21.04 4.49 12.73
C VAL B 410 22.56 4.48 12.61
N ALA B 411 23.09 3.44 11.98
CA ALA B 411 24.48 3.44 11.59
C ALA B 411 24.63 4.32 10.37
N VAL B 412 25.66 5.15 10.36
CA VAL B 412 25.99 5.95 9.19
C VAL B 412 27.48 5.82 8.92
N ASP B 413 27.83 5.46 7.69
CA ASP B 413 29.21 5.20 7.31
C ASP B 413 29.49 6.02 6.06
N GLU B 414 30.26 7.10 6.21
CA GLU B 414 30.60 7.93 5.06
C GLU B 414 31.50 7.22 4.06
N ASN B 415 32.14 6.12 4.45
CA ASN B 415 33.10 5.43 3.61
C ASN B 415 32.54 4.17 2.96
N ALA B 416 31.22 3.99 2.98
CA ALA B 416 30.62 2.79 2.45
C ALA B 416 29.31 3.13 1.77
N GLY B 417 29.02 2.41 0.70
CA GLY B 417 27.71 2.44 0.07
C GLY B 417 27.13 1.04 0.06
N SER B 418 25.83 0.93 0.29
CA SER B 418 25.21 -0.36 0.54
C SER B 418 23.86 -0.44 -0.15
N SER B 419 23.51 -1.64 -0.60
CA SER B 419 22.18 -1.92 -1.12
C SER B 419 21.17 -2.25 -0.02
N LEU B 420 21.54 -2.07 1.25
CA LEU B 420 20.64 -2.33 2.36
C LEU B 420 20.29 -1.02 3.07
N PRO B 421 19.12 -0.43 2.79
CA PRO B 421 18.79 0.85 3.45
C PRO B 421 18.53 0.67 4.94
N TYR B 422 19.06 1.61 5.73
CA TYR B 422 18.88 1.61 7.19
C TYR B 422 19.37 0.32 7.84
N SER B 423 20.54 -0.15 7.43
CA SER B 423 21.02 -1.42 7.93
C SER B 423 21.62 -1.23 9.33
N SER B 424 21.72 -2.34 10.05
CA SER B 424 22.14 -2.34 11.46
C SER B 424 23.54 -1.74 11.67
N1A COA C . 20.12 12.99 -6.36
C2A COA C . 19.99 12.11 -7.35
N3A COA C . 19.80 10.79 -7.28
C4A COA C . 19.74 10.33 -6.00
C5A COA C . 19.87 11.14 -4.86
C6A COA C . 20.07 12.52 -5.09
N6A COA C . 20.20 13.39 -4.04
N7A COA C . 19.77 10.37 -3.70
C8A COA C . 19.58 9.12 -4.17
N9A COA C . 19.56 9.05 -5.53
C1B COA C . 19.36 7.83 -6.39
C2B COA C . 20.68 7.05 -6.61
O2B COA C . 21.37 7.54 -7.70
C3B COA C . 20.09 5.65 -6.94
O3B COA C . 19.87 5.52 -8.37
P3B COA C . 20.15 4.01 -8.86
O7A COA C . 19.33 3.05 -8.07
O8A COA C . 19.75 3.86 -10.33
O9A COA C . 21.62 3.66 -8.72
C4B COA C . 18.72 5.63 -6.19
O4B COA C . 18.50 6.96 -5.70
C5B COA C . 18.80 4.66 -5.04
O5B COA C . 19.85 5.03 -4.21
P1A COA C . 19.60 5.28 -2.63
O1A COA C . 18.71 6.45 -2.47
O2A COA C . 20.86 5.17 -1.80
O3A COA C . 18.59 4.03 -2.13
P2A COA C . 18.31 3.25 -0.75
O4A COA C . 16.92 2.77 -0.75
O5A COA C . 19.46 2.35 -0.34
O6A COA C . 18.28 4.33 0.42
CBP COA C . 17.62 6.26 1.65
CCP COA C . 17.23 5.20 0.62
CDP COA C . 16.42 7.17 1.87
CEP COA C . 18.03 5.57 2.95
CAP COA C . 18.82 7.03 1.03
OAP COA C . 18.44 7.75 -0.11
C9P COA C . 19.53 8.05 1.97
O9P COA C . 20.27 7.71 2.89
N8P COA C . 19.33 9.33 1.72
C7P COA C . 19.93 10.41 2.50
C6P COA C . 19.09 10.74 3.73
C5P COA C . 17.88 11.57 3.40
O5P COA C . 17.87 12.47 2.57
N4P COA C . 16.78 11.23 4.05
C3P COA C . 15.51 11.91 3.84
C2P COA C . 14.48 10.87 3.45
S1P COA C . 13.08 11.66 2.60
FE1 SF4 D . -10.07 7.18 0.87
FE2 SF4 D . -10.57 9.79 0.18
FE3 SF4 D . -11.77 7.74 -1.20
FE4 SF4 D . -9.07 8.18 -1.47
S1 SF4 D . -10.78 9.59 -2.11
S2 SF4 D . -10.10 6.15 -1.16
S3 SF4 D . -8.51 8.86 0.65
S4 SF4 D . -12.09 8.27 1.01
N1A COA E . -20.20 -13.02 6.26
C2A COA E . -20.08 -13.19 4.95
N3A COA E . -19.86 -12.29 4.01
C4A COA E . -19.77 -11.02 4.50
C5A COA E . -19.89 -10.68 5.85
C6A COA E . -20.11 -11.75 6.74
N6A COA E . -20.24 -11.53 8.09
N7A COA E . -19.76 -9.29 6.03
C8A COA E . -19.57 -8.83 4.78
N9A COA E . -19.58 -9.82 3.83
C1B COA E . -19.38 -9.69 2.36
C2B COA E . -20.70 -9.29 1.67
O2B COA E . -21.52 -10.38 1.41
C3B COA E . -20.10 -8.74 0.36
O3B COA E . -19.96 -9.80 -0.59
P3B COA E . -20.28 -9.27 -2.08
O7A COA E . -19.26 -8.25 -2.49
O8A COA E . -20.23 -10.41 -3.07
O9A COA E . -21.65 -8.66 -2.14
C4B COA E . -18.70 -8.20 0.77
O4B COA E . -18.46 -8.66 2.11
C5B COA E . -18.72 -6.70 0.73
O5B COA E . -19.80 -6.25 1.51
P1A COA E . -19.56 -5.21 2.73
O1A COA E . -18.71 -5.87 3.74
O2A COA E . -20.82 -4.47 3.14
O3A COA E . -18.52 -4.05 2.12
P2A COA E . -18.36 -2.48 2.29
O4A COA E . -17.00 -2.10 1.90
O5A COA E . -19.56 -1.69 1.82
O6A COA E . -18.34 -2.20 3.86
CBP COA E . -17.70 -2.43 6.14
CCP COA E . -17.31 -2.62 4.68
CDP COA E . -16.52 -2.79 7.00
CEP COA E . -18.09 -0.98 6.37
CAP COA E . -18.90 -3.37 6.37
OAP COA E . -18.58 -4.70 6.11
C9P COA E . -19.47 -3.33 7.81
O9P COA E . -20.12 -2.38 8.25
N8P COA E . -19.25 -4.40 8.57
C7P COA E . -19.75 -4.51 9.95
C6P COA E . -18.92 -3.67 10.91
C5P COA E . -17.67 -4.38 11.35
O5P COA E . -17.62 -5.57 11.63
N4P COA E . -16.59 -3.61 11.43
C3P COA E . -15.28 -4.12 11.83
C2P COA E . -14.55 -4.61 10.60
S1P COA E . -12.76 -4.46 10.85
FE1 SF4 F . 10.61 -6.06 7.66
FE2 SF4 F . 10.10 -3.86 6.09
FE3 SF4 F . 9.06 -6.31 5.40
FE4 SF4 F . 11.77 -5.85 5.19
S1 SF4 F . 10.10 -4.82 3.99
S2 SF4 F . 10.76 -7.71 6.09
S3 SF4 F . 12.12 -4.47 6.99
S4 SF4 F . 8.56 -5.08 7.28
#